data_5J83
#
_entry.id   5J83
#
_cell.length_a   161.130
_cell.length_b   161.130
_cell.length_c   114.530
_cell.angle_alpha   90.00
_cell.angle_beta   90.00
_cell.angle_gamma   120.00
#
_symmetry.space_group_name_H-M   'P 64'
#
_entity_poly.entity_id   1
_entity_poly.type   'polypeptide(L)'
_entity_poly.pdbx_seq_one_letter_code
;MDWSHPQFEKKKKAEWPRKLRSQEWYGGTSRDVIYHRGWLKNQGYPHDLFDGRPVIGILNTWSDMTPCNGHLRELAEKVK
AGVWEAGGFPLEVPVFSASENTFRPTAMMYRNLAALAVEEAIRGQPMDGCVLLVGCD(KCX)TTPSLLMGAASCDLPSIV
VTGGPMLNGYFRGERVGSGTHLWKFSEMVKAGEMTQAEFLEAEASMSRSSGTCNTMGTASTMASMAEALGMALSGNAAIP
GVDSRRKVMAQLTGRRIVQMVKDDLKPSEIMTKQAFENAIRTNAAIGGSTNAVIHLLAIAGRVGIDLSLDDWDRCGRDVP
TIVNLMPSGKYLMEEFFYAGGLPVVLKRLGEAGLLHKDALTVSGETVWDEVKDVVNWNEDVILPAEKALTSSGGIVVLRG
NLAPKGAVLKPSAASPHLLVHKGRAVVFEDIDDYKAKINDDNLDIDENCIMVMKNCGPKGYPGMAEVGNMGLPPKVLKKG
ILDMVRISDARMSGTAYGTVVLHTSPEAAVGGPLAVVKNGDMIELDVPNRRLHLDISDEELARRLAEWQPNHDLPTSGYA
FLHQQHVEGADTGADLDFLKGCRGNAVGKDSH
;
_entity_poly.pdbx_strand_id   A,B
#
# COMPACT_ATOMS: atom_id res chain seq x y z
N ALA A 14 -8.64 -23.54 19.95
CA ALA A 14 -9.92 -24.05 19.46
C ALA A 14 -9.81 -25.53 19.13
N GLU A 15 -10.70 -25.99 18.25
CA GLU A 15 -10.80 -27.41 17.89
C GLU A 15 -10.23 -27.62 16.49
N TRP A 16 -9.06 -28.23 16.42
CA TRP A 16 -8.63 -28.64 15.09
C TRP A 16 -8.89 -30.13 14.90
N PRO A 17 -9.41 -30.56 13.73
CA PRO A 17 -9.69 -29.76 12.53
C PRO A 17 -10.93 -28.86 12.64
N ARG A 18 -10.90 -27.77 11.88
CA ARG A 18 -12.06 -26.90 11.74
C ARG A 18 -11.92 -26.12 10.44
N LYS A 19 -13.01 -25.49 10.02
CA LYS A 19 -13.01 -24.71 8.79
C LYS A 19 -12.47 -23.31 9.08
N LEU A 20 -11.40 -22.93 8.39
CA LEU A 20 -10.79 -21.63 8.57
C LEU A 20 -11.41 -20.62 7.61
N ARG A 21 -11.08 -19.34 7.83
CA ARG A 21 -11.66 -18.28 7.01
C ARG A 21 -11.30 -18.41 5.54
N SER A 22 -10.20 -19.10 5.22
CA SER A 22 -9.81 -19.27 3.83
C SER A 22 -10.83 -20.11 3.06
N GLN A 23 -11.49 -21.06 3.73
CA GLN A 23 -12.46 -21.91 3.05
C GLN A 23 -13.69 -21.13 2.60
N GLU A 24 -13.92 -19.93 3.14
CA GLU A 24 -14.94 -19.05 2.59
C GLU A 24 -14.66 -18.72 1.13
N TRP A 25 -13.39 -18.78 0.72
CA TRP A 25 -12.97 -18.57 -0.65
C TRP A 25 -12.88 -19.87 -1.44
N TYR A 26 -12.19 -20.89 -0.88
CA TYR A 26 -11.82 -22.09 -1.62
C TYR A 26 -12.60 -23.33 -1.19
N GLY A 27 -13.75 -23.16 -0.54
CA GLY A 27 -14.44 -24.26 0.07
C GLY A 27 -15.58 -24.81 -0.77
N GLY A 28 -15.48 -26.09 -1.09
CA GLY A 28 -16.65 -26.82 -1.60
C GLY A 28 -16.87 -26.54 -3.07
N THR A 29 -18.14 -26.38 -3.43
CA THR A 29 -18.53 -26.16 -4.81
C THR A 29 -18.99 -24.72 -5.03
N SER A 30 -20.10 -24.54 -5.75
CA SER A 30 -20.71 -23.24 -6.03
C SER A 30 -19.87 -22.40 -7.00
N ARG A 31 -20.47 -21.34 -7.54
CA ARG A 31 -19.85 -20.56 -8.61
C ARG A 31 -18.76 -19.64 -8.09
N ASP A 32 -18.99 -18.99 -6.95
CA ASP A 32 -18.00 -18.05 -6.42
C ASP A 32 -16.69 -18.75 -6.08
N VAL A 33 -16.78 -19.98 -5.59
CA VAL A 33 -15.57 -20.70 -5.15
C VAL A 33 -14.77 -21.16 -6.36
N ILE A 34 -15.44 -21.74 -7.35
CA ILE A 34 -14.76 -22.16 -8.57
C ILE A 34 -14.08 -20.98 -9.23
N TYR A 35 -14.63 -19.77 -9.07
CA TYR A 35 -13.96 -18.57 -9.55
C TYR A 35 -12.74 -18.23 -8.71
N HIS A 36 -12.76 -18.56 -7.42
CA HIS A 36 -11.63 -18.24 -6.56
C HIS A 36 -10.56 -19.31 -6.64
N ARG A 37 -10.95 -20.58 -6.54
CA ARG A 37 -9.97 -21.67 -6.50
C ARG A 37 -9.33 -21.88 -7.87
N GLY A 38 -10.15 -22.00 -8.92
CA GLY A 38 -9.61 -22.25 -10.25
C GLY A 38 -8.76 -21.12 -10.77
N TRP A 39 -9.01 -19.89 -10.31
CA TRP A 39 -8.20 -18.76 -10.76
C TRP A 39 -6.80 -18.80 -10.16
N LEU A 40 -6.66 -19.40 -8.97
CA LEU A 40 -5.34 -19.53 -8.36
C LEU A 40 -4.60 -20.75 -8.88
N LYS A 41 -5.32 -21.77 -9.34
CA LYS A 41 -4.69 -22.98 -9.85
C LYS A 41 -3.82 -22.72 -11.07
N ASN A 42 -4.03 -21.60 -11.76
CA ASN A 42 -3.24 -21.30 -12.95
C ASN A 42 -1.79 -21.00 -12.63
N GLN A 43 -1.42 -20.92 -11.35
CA GLN A 43 -0.04 -20.76 -10.93
C GLN A 43 0.62 -22.08 -10.57
N GLY A 44 0.00 -23.20 -10.93
CA GLY A 44 0.57 -24.51 -10.66
C GLY A 44 0.49 -24.93 -9.22
N TYR A 45 -0.72 -25.24 -8.75
CA TYR A 45 -0.94 -25.71 -7.39
C TYR A 45 -1.76 -26.99 -7.44
N PRO A 46 -1.34 -28.05 -6.75
CA PRO A 46 -2.14 -29.28 -6.73
C PRO A 46 -3.51 -29.04 -6.09
N HIS A 47 -4.42 -29.99 -6.34
CA HIS A 47 -5.81 -29.81 -5.93
C HIS A 47 -5.96 -29.84 -4.41
N ASP A 48 -5.19 -30.70 -3.74
CA ASP A 48 -5.41 -30.94 -2.31
C ASP A 48 -5.04 -29.76 -1.43
N LEU A 49 -4.31 -28.77 -1.95
CA LEU A 49 -3.90 -27.64 -1.13
C LEU A 49 -5.06 -26.75 -0.72
N PHE A 50 -6.24 -26.92 -1.33
CA PHE A 50 -7.41 -26.14 -1.00
C PHE A 50 -8.38 -26.88 -0.09
N ASP A 51 -7.97 -28.01 0.48
CA ASP A 51 -8.87 -28.79 1.32
C ASP A 51 -9.24 -28.05 2.60
N GLY A 52 -8.27 -27.43 3.25
CA GLY A 52 -8.53 -26.72 4.48
C GLY A 52 -7.28 -26.46 5.28
N ARG A 53 -6.16 -27.00 4.83
CA ARG A 53 -4.88 -26.76 5.49
C ARG A 53 -4.58 -25.26 5.50
N PRO A 54 -3.97 -24.73 6.56
CA PRO A 54 -3.90 -23.28 6.73
C PRO A 54 -3.18 -22.59 5.59
N VAL A 55 -3.77 -21.51 5.11
CA VAL A 55 -3.16 -20.66 4.10
C VAL A 55 -2.40 -19.55 4.83
N ILE A 56 -1.09 -19.49 4.61
CA ILE A 56 -0.20 -18.61 5.35
C ILE A 56 0.24 -17.49 4.41
N GLY A 57 -0.20 -16.27 4.69
CA GLY A 57 0.26 -15.12 3.95
C GLY A 57 1.59 -14.61 4.46
N ILE A 58 2.59 -14.56 3.59
CA ILE A 58 3.94 -14.15 3.98
C ILE A 58 4.11 -12.71 3.50
N LEU A 59 3.77 -11.77 4.39
CA LEU A 59 3.86 -10.35 4.07
C LEU A 59 5.32 -9.94 4.04
N ASN A 60 5.82 -9.60 2.86
CA ASN A 60 7.22 -9.27 2.64
C ASN A 60 7.37 -7.79 2.35
N THR A 61 8.11 -7.09 3.20
CA THR A 61 8.39 -5.67 3.01
C THR A 61 9.63 -5.42 2.15
N TRP A 62 10.11 -6.43 1.44
CA TRP A 62 11.29 -6.26 0.61
C TRP A 62 11.04 -5.24 -0.51
N SER A 63 12.09 -4.50 -0.84
CA SER A 63 12.05 -3.55 -1.95
C SER A 63 13.48 -3.18 -2.30
N ASP A 64 13.75 -2.98 -3.59
CA ASP A 64 15.04 -2.46 -3.99
C ASP A 64 15.29 -1.07 -3.41
N MET A 65 14.22 -0.35 -3.10
CA MET A 65 14.34 0.99 -2.52
C MET A 65 14.64 0.97 -1.03
N THR A 66 14.31 -0.11 -0.33
CA THR A 66 14.58 -0.22 1.11
C THR A 66 15.75 -1.17 1.32
N PRO A 67 16.99 -0.68 1.33
CA PRO A 67 18.15 -1.59 1.39
C PRO A 67 18.35 -2.24 2.74
N CYS A 68 17.65 -1.81 3.79
CA CYS A 68 17.67 -2.55 5.04
C CYS A 68 16.83 -3.82 5.00
N ASN A 69 16.22 -4.13 3.85
CA ASN A 69 15.37 -5.29 3.68
C ASN A 69 15.76 -6.12 2.47
N GLY A 70 16.98 -5.94 1.95
CA GLY A 70 17.31 -6.46 0.63
C GLY A 70 17.31 -7.97 0.54
N HIS A 71 17.59 -8.66 1.65
CA HIS A 71 17.72 -10.11 1.64
C HIS A 71 16.43 -10.82 2.05
N LEU A 72 15.30 -10.11 2.03
CA LEU A 72 14.06 -10.70 2.55
C LEU A 72 13.40 -11.64 1.55
N ARG A 73 13.62 -11.44 0.25
CA ARG A 73 13.14 -12.42 -0.73
C ARG A 73 13.73 -13.79 -0.44
N GLU A 74 15.03 -13.85 -0.18
CA GLU A 74 15.67 -15.10 0.19
C GLU A 74 15.08 -15.64 1.49
N LEU A 75 14.75 -14.74 2.43
CA LEU A 75 14.14 -15.17 3.68
C LEU A 75 12.72 -15.68 3.44
N ALA A 76 11.98 -15.05 2.53
CA ALA A 76 10.61 -15.47 2.24
C ALA A 76 10.58 -16.92 1.75
N GLU A 77 11.58 -17.31 0.96
CA GLU A 77 11.61 -18.67 0.44
C GLU A 77 11.91 -19.68 1.55
N LYS A 78 12.58 -19.26 2.62
CA LYS A 78 12.76 -20.13 3.77
C LYS A 78 11.46 -20.30 4.55
N VAL A 79 10.71 -19.22 4.73
CA VAL A 79 9.41 -19.31 5.39
C VAL A 79 8.47 -20.18 4.56
N LYS A 80 8.57 -20.08 3.23
CA LYS A 80 7.76 -20.95 2.37
C LYS A 80 8.07 -22.42 2.63
N ALA A 81 9.36 -22.76 2.67
CA ALA A 81 9.76 -24.14 2.92
C ALA A 81 9.27 -24.61 4.29
N GLY A 82 9.31 -23.72 5.29
CA GLY A 82 8.81 -24.06 6.61
C GLY A 82 7.31 -24.25 6.67
N VAL A 83 6.57 -23.70 5.71
CA VAL A 83 5.12 -23.89 5.67
C VAL A 83 4.75 -25.14 4.89
N TRP A 84 5.48 -25.44 3.81
CA TRP A 84 5.25 -26.69 3.10
C TRP A 84 5.49 -27.90 4.01
N GLU A 85 6.51 -27.82 4.88
CA GLU A 85 6.86 -28.95 5.72
C GLU A 85 5.75 -29.26 6.73
N ALA A 86 5.17 -28.23 7.34
CA ALA A 86 4.10 -28.40 8.30
C ALA A 86 2.72 -28.54 7.64
N GLY A 87 2.67 -28.87 6.35
CA GLY A 87 1.40 -29.12 5.70
C GLY A 87 0.55 -27.89 5.51
N GLY A 88 1.18 -26.74 5.26
CA GLY A 88 0.47 -25.50 5.04
C GLY A 88 0.42 -25.12 3.57
N PHE A 89 0.03 -23.87 3.33
CA PHE A 89 -0.05 -23.30 1.99
C PHE A 89 0.59 -21.92 2.03
N PRO A 90 1.87 -21.82 1.69
CA PRO A 90 2.57 -20.53 1.78
C PRO A 90 2.29 -19.66 0.55
N LEU A 91 1.99 -18.39 0.80
CA LEU A 91 1.76 -17.42 -0.26
C LEU A 91 2.43 -16.10 0.13
N GLU A 92 3.23 -15.54 -0.78
CA GLU A 92 3.97 -14.32 -0.51
C GLU A 92 3.18 -13.11 -0.99
N VAL A 93 3.02 -12.12 -0.12
CA VAL A 93 2.25 -10.92 -0.43
C VAL A 93 3.08 -9.69 -0.08
N PRO A 94 3.70 -9.03 -1.06
CA PRO A 94 4.48 -7.82 -0.76
C PRO A 94 3.59 -6.69 -0.27
N VAL A 95 4.11 -5.91 0.68
CA VAL A 95 3.35 -4.82 1.27
C VAL A 95 4.10 -3.50 1.10
N PHE A 96 3.48 -2.41 1.52
CA PHE A 96 4.09 -1.09 1.44
C PHE A 96 5.32 -1.01 2.33
N SER A 97 6.43 -0.53 1.78
CA SER A 97 7.70 -0.44 2.50
C SER A 97 8.14 1.02 2.56
N ALA A 98 8.28 1.53 3.78
CA ALA A 98 8.75 2.89 4.01
C ALA A 98 9.93 2.84 4.96
N SER A 99 11.08 3.36 4.52
CA SER A 99 12.29 3.36 5.32
C SER A 99 12.87 4.76 5.35
N GLU A 100 13.52 5.09 6.47
CA GLU A 100 14.03 6.44 6.68
C GLU A 100 15.15 6.80 5.71
N ASN A 101 15.82 5.82 5.11
CA ASN A 101 16.95 6.09 4.24
C ASN A 101 16.56 6.47 2.82
N THR A 102 15.26 6.59 2.53
CA THR A 102 14.84 6.96 1.18
C THR A 102 13.70 7.96 1.17
N PHE A 103 12.67 7.72 1.97
CA PHE A 103 11.44 8.50 1.87
C PHE A 103 11.65 9.95 2.31
N ARG A 104 10.88 10.84 1.68
CA ARG A 104 10.83 12.25 2.01
C ARG A 104 9.38 12.69 2.08
N PRO A 105 9.03 13.61 3.02
CA PRO A 105 9.92 14.28 3.97
C PRO A 105 10.40 13.37 5.10
N THR A 106 9.61 12.36 5.44
CA THR A 106 10.01 11.40 6.46
C THR A 106 9.24 10.11 6.24
N ALA A 107 9.85 9.00 6.66
CA ALA A 107 9.20 7.70 6.56
C ALA A 107 8.18 7.46 7.66
N MET A 108 8.04 8.39 8.60
CA MET A 108 7.04 8.26 9.65
C MET A 108 5.66 8.69 9.15
N MET A 109 5.63 9.71 8.29
CA MET A 109 4.38 10.16 7.69
C MET A 109 3.68 9.05 6.89
N TYR A 110 4.44 8.05 6.44
CA TYR A 110 3.90 6.93 5.70
C TYR A 110 3.82 5.65 6.51
N ARG A 111 4.06 5.73 7.83
CA ARG A 111 3.92 4.55 8.67
C ARG A 111 2.48 4.10 8.77
N ASN A 112 1.56 5.04 8.99
CA ASN A 112 0.14 4.69 9.06
C ASN A 112 -0.39 4.22 7.72
N LEU A 113 0.15 4.76 6.62
CA LEU A 113 -0.25 4.30 5.29
C LEU A 113 0.08 2.83 5.10
N ALA A 114 1.26 2.41 5.53
CA ALA A 114 1.61 0.99 5.48
C ALA A 114 0.69 0.16 6.36
N ALA A 115 0.46 0.61 7.60
CA ALA A 115 -0.46 -0.11 8.48
C ALA A 115 -1.86 -0.16 7.90
N LEU A 116 -2.27 0.88 7.16
CA LEU A 116 -3.56 0.85 6.49
C LEU A 116 -3.61 -0.24 5.43
N ALA A 117 -2.58 -0.31 4.60
CA ALA A 117 -2.57 -1.29 3.51
C ALA A 117 -2.35 -2.70 4.04
N VAL A 118 -1.46 -2.86 5.03
CA VAL A 118 -1.21 -4.18 5.60
C VAL A 118 -2.47 -4.71 6.29
N GLU A 119 -3.29 -3.83 6.84
CA GLU A 119 -4.55 -4.27 7.43
C GLU A 119 -5.52 -4.78 6.36
N GLU A 120 -5.70 -4.02 5.29
CA GLU A 120 -6.68 -4.36 4.27
C GLU A 120 -6.25 -5.51 3.39
N ALA A 121 -4.95 -5.84 3.36
CA ALA A 121 -4.50 -7.01 2.63
C ALA A 121 -4.68 -8.29 3.43
N ILE A 122 -4.78 -8.19 4.76
CA ILE A 122 -5.02 -9.37 5.58
C ILE A 122 -6.50 -9.71 5.61
N ARG A 123 -7.37 -8.69 5.71
CA ARG A 123 -8.80 -8.95 5.81
C ARG A 123 -9.38 -9.41 4.48
N GLY A 124 -9.05 -8.71 3.39
CA GLY A 124 -9.67 -9.02 2.11
C GLY A 124 -9.17 -10.30 1.48
N GLN A 125 -7.95 -10.73 1.82
CA GLN A 125 -7.42 -11.87 1.09
C GLN A 125 -7.49 -13.14 1.92
N PRO A 126 -7.64 -14.31 1.26
CA PRO A 126 -7.90 -15.57 1.99
C PRO A 126 -6.66 -16.16 2.66
N MET A 127 -6.09 -15.40 3.59
CA MET A 127 -4.99 -15.89 4.40
C MET A 127 -5.49 -16.25 5.79
N ASP A 128 -5.10 -17.43 6.27
CA ASP A 128 -5.48 -17.86 7.61
C ASP A 128 -4.52 -17.37 8.67
N GLY A 129 -3.23 -17.26 8.33
CA GLY A 129 -2.25 -16.73 9.24
C GLY A 129 -1.25 -15.87 8.50
N CYS A 130 -0.65 -14.95 9.24
CA CYS A 130 0.28 -13.99 8.68
C CYS A 130 1.69 -14.21 9.20
N VAL A 131 2.67 -14.10 8.31
CA VAL A 131 4.08 -14.03 8.67
C VAL A 131 4.57 -12.65 8.32
N LEU A 132 5.16 -11.97 9.30
CA LEU A 132 5.54 -10.56 9.15
C LEU A 132 7.05 -10.48 8.91
N LEU A 133 7.43 -10.47 7.63
CA LEU A 133 8.82 -10.29 7.23
C LEU A 133 9.15 -8.80 7.32
N VAL A 134 9.78 -8.41 8.43
CA VAL A 134 10.11 -7.01 8.67
C VAL A 134 11.62 -6.89 8.84
N GLY A 135 12.08 -5.64 8.91
CA GLY A 135 13.50 -5.38 9.09
C GLY A 135 13.77 -3.91 9.37
N CYS A 136 13.39 -3.04 8.43
CA CYS A 136 13.70 -1.63 8.54
C CYS A 136 12.99 -1.01 9.74
N ASP A 137 13.31 0.26 9.98
CA ASP A 137 12.79 1.00 11.13
C ASP A 137 11.27 1.00 11.22
N THR A 139 9.03 -0.73 9.48
CA THR A 139 8.35 -1.92 8.97
C THR A 139 7.87 -2.82 10.11
N THR A 140 8.60 -2.82 11.23
CA THR A 140 8.17 -3.63 12.37
C THR A 140 6.88 -3.10 13.00
N PRO A 141 6.74 -1.80 13.30
CA PRO A 141 5.47 -1.35 13.89
C PRO A 141 4.31 -1.39 12.92
N SER A 142 4.52 -0.96 11.67
CA SER A 142 3.43 -0.88 10.70
C SER A 142 2.77 -2.24 10.50
N LEU A 143 3.57 -3.28 10.31
CA LEU A 143 3.01 -4.61 10.13
C LEU A 143 2.46 -5.18 11.43
N LEU A 144 2.76 -4.59 12.58
CA LEU A 144 2.07 -4.92 13.82
C LEU A 144 0.82 -4.08 14.01
N MET A 145 0.89 -2.79 13.66
CA MET A 145 -0.31 -1.95 13.69
C MET A 145 -1.37 -2.44 12.71
N GLY A 146 -0.99 -3.24 11.72
CA GLY A 146 -1.93 -3.80 10.76
C GLY A 146 -2.40 -5.19 11.13
N ALA A 147 -1.46 -6.07 11.47
CA ALA A 147 -1.83 -7.45 11.81
C ALA A 147 -2.63 -7.52 13.11
N ALA A 148 -2.45 -6.55 14.01
CA ALA A 148 -3.21 -6.55 15.24
C ALA A 148 -4.61 -5.97 15.04
N SER A 149 -4.75 -4.99 14.15
CA SER A 149 -6.07 -4.45 13.84
C SER A 149 -6.98 -5.49 13.21
N CYS A 150 -6.41 -6.58 12.68
CA CYS A 150 -7.19 -7.74 12.27
C CYS A 150 -7.14 -8.86 13.29
N ASP A 151 -6.09 -8.90 14.12
CA ASP A 151 -5.94 -9.89 15.19
C ASP A 151 -5.95 -11.33 14.66
N LEU A 152 -5.55 -11.51 13.42
CA LEU A 152 -5.33 -12.85 12.89
C LEU A 152 -4.00 -13.39 13.43
N PRO A 153 -3.88 -14.73 13.59
CA PRO A 153 -2.60 -15.30 14.02
C PRO A 153 -1.41 -14.77 13.23
N SER A 154 -0.44 -14.19 13.93
CA SER A 154 0.67 -13.51 13.29
C SER A 154 1.96 -13.79 14.04
N ILE A 155 3.07 -13.68 13.31
CA ILE A 155 4.40 -13.89 13.87
C ILE A 155 5.39 -13.04 13.10
N VAL A 156 6.49 -12.67 13.76
CA VAL A 156 7.45 -11.71 13.22
C VAL A 156 8.75 -12.43 12.88
N VAL A 157 9.31 -12.12 11.73
CA VAL A 157 10.64 -12.59 11.32
C VAL A 157 11.46 -11.34 11.00
N THR A 158 12.21 -10.86 11.99
CA THR A 158 13.07 -9.70 11.77
C THR A 158 14.15 -10.04 10.75
N GLY A 159 14.39 -9.11 9.82
CA GLY A 159 15.41 -9.30 8.81
C GLY A 159 16.79 -9.52 9.37
N GLY A 160 17.27 -8.60 10.20
CA GLY A 160 18.57 -8.71 10.81
C GLY A 160 19.41 -7.46 10.62
N PRO A 161 20.32 -7.20 11.57
CA PRO A 161 21.19 -6.03 11.44
C PRO A 161 22.38 -6.30 10.55
N MET A 162 23.01 -5.20 10.13
CA MET A 162 24.20 -5.30 9.28
C MET A 162 25.40 -5.78 10.09
N LEU A 163 26.46 -6.14 9.36
CA LEU A 163 27.73 -6.44 10.01
C LEU A 163 28.39 -5.15 10.49
N ASN A 164 29.35 -5.29 11.39
CA ASN A 164 30.11 -4.15 11.87
C ASN A 164 30.94 -3.55 10.74
N GLY A 165 30.80 -2.24 10.54
CA GLY A 165 31.56 -1.54 9.53
C GLY A 165 32.90 -1.11 10.10
N TYR A 166 33.97 -1.50 9.42
CA TYR A 166 35.33 -1.13 9.81
C TYR A 166 35.89 -0.12 8.84
N PHE A 167 36.39 1.00 9.37
CA PHE A 167 36.95 2.08 8.57
C PHE A 167 38.39 2.30 9.02
N ARG A 168 39.33 1.87 8.18
CA ARG A 168 40.76 1.99 8.47
C ARG A 168 41.14 1.25 9.75
N GLY A 169 40.50 0.11 9.98
CA GLY A 169 40.74 -0.70 11.15
C GLY A 169 39.93 -0.34 12.37
N GLU A 170 39.34 0.85 12.40
CA GLU A 170 38.53 1.29 13.53
C GLU A 170 37.08 0.90 13.33
N ARG A 171 36.40 0.59 14.43
CA ARG A 171 34.99 0.28 14.39
C ARG A 171 34.18 1.52 14.01
N VAL A 172 33.05 1.29 13.36
CA VAL A 172 32.18 2.37 12.89
C VAL A 172 30.74 1.91 13.00
N GLY A 173 29.88 2.78 13.52
CA GLY A 173 28.46 2.50 13.66
C GLY A 173 27.66 3.14 12.55
N SER A 174 26.73 2.37 11.99
CA SER A 174 25.87 2.86 10.92
C SER A 174 24.94 3.94 11.48
N GLY A 175 25.11 5.17 11.01
CA GLY A 175 24.33 6.29 11.50
C GLY A 175 24.95 7.02 12.67
N THR A 176 25.38 6.29 13.70
CA THR A 176 26.00 6.92 14.85
C THR A 176 27.26 7.67 14.46
N HIS A 177 28.12 7.06 13.66
CA HIS A 177 29.30 7.73 13.16
C HIS A 177 29.02 8.68 12.02
N LEU A 178 27.75 8.85 11.63
CA LEU A 178 27.37 9.90 10.69
C LEU A 178 27.13 11.21 11.40
N TRP A 179 26.38 11.18 12.52
CA TRP A 179 26.28 12.35 13.37
C TRP A 179 27.58 12.64 14.10
N LYS A 180 28.51 11.68 14.15
CA LYS A 180 29.79 11.88 14.82
C LYS A 180 30.84 12.46 13.88
N PHE A 181 30.76 12.14 12.59
CA PHE A 181 31.66 12.73 11.60
C PHE A 181 31.11 14.02 11.02
N SER A 182 29.80 14.25 11.10
CA SER A 182 29.24 15.53 10.68
C SER A 182 29.71 16.66 11.58
N GLU A 183 29.71 16.42 12.89
CA GLU A 183 30.16 17.44 13.84
C GLU A 183 31.67 17.56 13.83
N MET A 184 32.39 16.44 13.66
CA MET A 184 33.84 16.49 13.59
C MET A 184 34.34 17.25 12.36
N VAL A 185 33.51 17.35 11.33
CA VAL A 185 33.87 18.19 10.18
C VAL A 185 33.71 19.66 10.52
N LYS A 186 32.62 20.01 11.23
CA LYS A 186 32.40 21.40 11.61
C LYS A 186 33.37 21.86 12.69
N ALA A 187 34.04 20.94 13.38
CA ALA A 187 34.99 21.28 14.42
C ALA A 187 36.43 21.26 13.93
N GLY A 188 36.64 21.14 12.62
CA GLY A 188 37.98 21.11 12.05
C GLY A 188 38.76 19.84 12.33
N GLU A 189 38.20 18.89 13.07
CA GLU A 189 38.88 17.65 13.41
C GLU A 189 38.71 16.56 12.35
N MET A 190 38.09 16.89 11.22
CA MET A 190 37.88 15.91 10.15
C MET A 190 37.60 16.66 8.86
N THR A 191 37.94 16.03 7.74
CA THR A 191 37.70 16.57 6.42
C THR A 191 36.49 15.91 5.79
N GLN A 192 35.79 16.66 4.93
CA GLN A 192 34.67 16.09 4.19
C GLN A 192 35.15 14.99 3.26
N ALA A 193 36.42 15.04 2.83
CA ALA A 193 36.97 13.99 1.99
C ALA A 193 37.26 12.72 2.79
N GLU A 194 37.64 12.86 4.06
CA GLU A 194 37.74 11.70 4.94
C GLU A 194 36.38 11.17 5.32
N PHE A 195 35.35 12.01 5.29
CA PHE A 195 33.98 11.56 5.51
C PHE A 195 33.46 10.77 4.31
N LEU A 196 33.82 11.21 3.10
CA LEU A 196 33.36 10.52 1.90
C LEU A 196 33.98 9.14 1.77
N GLU A 197 35.25 9.00 2.15
CA GLU A 197 35.93 7.71 2.01
C GLU A 197 35.29 6.64 2.88
N ALA A 198 34.71 7.04 4.01
CA ALA A 198 34.07 6.08 4.91
C ALA A 198 32.67 5.70 4.48
N GLU A 199 32.11 6.38 3.46
CA GLU A 199 30.72 6.17 3.09
C GLU A 199 30.44 4.72 2.70
N ALA A 200 31.40 4.04 2.09
CA ALA A 200 31.20 2.68 1.61
C ALA A 200 31.67 1.62 2.61
N SER A 201 32.31 2.02 3.72
CA SER A 201 32.77 1.07 4.72
C SER A 201 31.85 1.00 5.93
N MET A 202 30.83 1.85 6.01
CA MET A 202 29.90 1.82 7.13
C MET A 202 28.81 0.77 6.92
N SER A 203 28.17 0.79 5.76
CA SER A 203 27.11 -0.14 5.42
C SER A 203 27.64 -1.09 4.36
N ARG A 204 28.00 -2.31 4.77
CA ARG A 204 28.62 -3.26 3.86
C ARG A 204 27.91 -4.60 3.79
N SER A 205 26.76 -4.77 4.45
CA SER A 205 25.99 -6.00 4.33
C SER A 205 24.51 -5.65 4.26
N SER A 206 23.69 -6.67 4.05
CA SER A 206 22.25 -6.48 4.01
C SER A 206 21.69 -6.48 5.42
N GLY A 207 21.05 -5.39 5.81
CA GLY A 207 20.44 -5.30 7.12
C GLY A 207 20.25 -3.86 7.55
N THR A 208 19.80 -3.72 8.79
CA THR A 208 19.55 -2.42 9.38
C THR A 208 20.82 -1.90 10.04
N CYS A 209 20.69 -0.82 10.82
CA CYS A 209 21.84 -0.27 11.53
C CYS A 209 22.44 -1.31 12.47
N ASN A 210 23.76 -1.30 12.57
CA ASN A 210 24.46 -2.22 13.47
C ASN A 210 24.58 -1.68 14.89
N THR A 211 23.91 -0.57 15.19
CA THR A 211 23.79 -0.07 16.54
C THR A 211 22.44 -0.45 17.11
N MET A 212 22.15 0.02 18.32
CA MET A 212 20.82 -0.16 18.92
C MET A 212 19.91 0.97 18.44
N GLY A 213 19.69 1.00 17.12
CA GLY A 213 18.94 2.05 16.48
C GLY A 213 17.45 1.77 16.47
N THR A 214 16.74 2.61 15.70
CA THR A 214 15.28 2.50 15.62
C THR A 214 14.85 1.13 15.11
N ALA A 215 15.62 0.53 14.21
CA ALA A 215 15.28 -0.77 13.66
C ALA A 215 15.78 -1.93 14.50
N SER A 216 16.89 -1.74 15.23
CA SER A 216 17.34 -2.77 16.15
C SER A 216 16.54 -2.76 17.45
N THR A 217 16.03 -1.59 17.84
CA THR A 217 15.17 -1.52 19.03
C THR A 217 13.84 -2.21 18.78
N MET A 218 13.15 -1.83 17.70
CA MET A 218 11.85 -2.41 17.41
C MET A 218 11.93 -3.90 17.10
N ALA A 219 13.10 -4.40 16.71
CA ALA A 219 13.27 -5.85 16.60
C ALA A 219 13.34 -6.49 17.97
N SER A 220 13.93 -5.80 18.95
CA SER A 220 13.97 -6.33 20.31
C SER A 220 12.60 -6.32 20.95
N MET A 221 11.84 -5.24 20.75
CA MET A 221 10.48 -5.18 21.31
C MET A 221 9.61 -6.29 20.76
N ALA A 222 9.73 -6.58 19.45
CA ALA A 222 8.96 -7.67 18.85
C ALA A 222 9.26 -9.02 19.51
N GLU A 223 10.38 -9.14 20.19
CA GLU A 223 10.73 -10.34 20.95
C GLU A 223 10.33 -10.25 22.41
N ALA A 224 10.46 -9.07 23.01
CA ALA A 224 9.99 -8.88 24.39
C ALA A 224 8.47 -8.80 24.47
N LEU A 225 7.80 -8.48 23.36
CA LEU A 225 6.35 -8.58 23.29
C LEU A 225 5.86 -10.00 23.07
N GLY A 226 6.77 -10.93 22.79
CA GLY A 226 6.40 -12.30 22.46
C GLY A 226 5.94 -12.50 21.03
N MET A 227 5.89 -11.45 20.22
CA MET A 227 5.41 -11.53 18.85
C MET A 227 6.41 -12.13 17.88
N ALA A 228 7.55 -12.60 18.37
CA ALA A 228 8.55 -13.26 17.54
C ALA A 228 9.17 -14.39 18.34
N LEU A 229 9.90 -15.26 17.63
CA LEU A 229 10.58 -16.35 18.30
C LEU A 229 11.70 -15.81 19.19
N SER A 230 12.11 -16.64 20.15
CA SER A 230 13.19 -16.27 21.06
C SER A 230 14.53 -16.34 20.33
N GLY A 231 15.35 -15.32 20.53
CA GLY A 231 16.61 -15.21 19.81
C GLY A 231 16.38 -14.82 18.36
N ASN A 232 15.72 -13.70 18.15
CA ASN A 232 15.34 -13.25 16.81
C ASN A 232 15.75 -11.83 16.48
N ALA A 233 16.03 -10.99 17.48
CA ALA A 233 16.33 -9.58 17.23
C ALA A 233 17.80 -9.32 16.94
N ALA A 234 18.69 -10.28 17.21
CA ALA A 234 20.12 -10.04 17.17
C ALA A 234 20.87 -10.78 16.07
N ILE A 235 20.29 -11.81 15.47
CA ILE A 235 21.03 -12.57 14.45
C ILE A 235 21.28 -11.66 13.24
N PRO A 236 22.53 -11.52 12.79
CA PRO A 236 22.79 -10.68 11.61
C PRO A 236 22.04 -11.22 10.40
N GLY A 237 21.58 -10.29 9.55
CA GLY A 237 20.79 -10.68 8.40
C GLY A 237 21.54 -11.62 7.45
N VAL A 238 22.86 -11.51 7.41
CA VAL A 238 23.67 -12.39 6.55
C VAL A 238 24.14 -13.64 7.28
N ASP A 239 23.86 -13.76 8.57
CA ASP A 239 24.17 -14.99 9.29
C ASP A 239 23.28 -16.11 8.79
N SER A 240 23.84 -17.32 8.73
CA SER A 240 23.08 -18.47 8.26
C SER A 240 21.91 -18.80 9.18
N ARG A 241 22.04 -18.47 10.47
CA ARG A 241 21.02 -18.80 11.45
C ARG A 241 19.80 -17.87 11.38
N ARG A 242 19.86 -16.81 10.58
CA ARG A 242 18.64 -16.06 10.27
C ARG A 242 17.75 -16.84 9.33
N LYS A 243 18.34 -17.63 8.42
CA LYS A 243 17.55 -18.47 7.54
C LYS A 243 16.94 -19.65 8.28
N VAL A 244 17.62 -20.15 9.32
CA VAL A 244 17.03 -21.17 10.17
C VAL A 244 15.90 -20.58 11.00
N MET A 245 16.08 -19.34 11.48
CA MET A 245 15.03 -18.67 12.22
C MET A 245 13.78 -18.49 11.36
N ALA A 246 13.96 -18.18 10.07
CA ALA A 246 12.81 -17.95 9.20
C ALA A 246 12.10 -19.25 8.85
N GLN A 247 12.87 -20.32 8.59
CA GLN A 247 12.25 -21.58 8.21
C GLN A 247 11.47 -22.20 9.38
N LEU A 248 11.99 -22.08 10.60
CA LEU A 248 11.25 -22.58 11.75
C LEU A 248 10.07 -21.69 12.09
N THR A 249 10.20 -20.38 11.86
CA THR A 249 9.08 -19.48 12.04
C THR A 249 7.96 -19.75 11.04
N GLY A 250 8.27 -20.45 9.94
CA GLY A 250 7.22 -20.86 9.01
C GLY A 250 6.49 -22.11 9.46
N ARG A 251 7.17 -23.00 10.18
CA ARG A 251 6.51 -24.18 10.71
C ARG A 251 5.55 -23.83 11.83
N ARG A 252 5.97 -22.90 12.71
CA ARG A 252 5.20 -22.61 13.91
C ARG A 252 3.86 -21.97 13.58
N ILE A 253 3.82 -21.11 12.56
CA ILE A 253 2.60 -20.36 12.28
C ILE A 253 1.49 -21.27 11.81
N VAL A 254 1.81 -22.43 11.24
CA VAL A 254 0.78 -23.40 10.88
C VAL A 254 0.07 -23.89 12.14
N GLN A 255 0.83 -24.38 13.11
CA GLN A 255 0.24 -24.80 14.38
C GLN A 255 -0.38 -23.62 15.11
N MET A 256 0.23 -22.43 14.99
CA MET A 256 -0.35 -21.23 15.59
C MET A 256 -1.75 -20.97 15.04
N VAL A 257 -1.94 -21.19 13.74
CA VAL A 257 -3.25 -20.98 13.14
C VAL A 257 -4.23 -22.06 13.61
N LYS A 258 -3.77 -23.30 13.69
CA LYS A 258 -4.61 -24.37 14.19
C LYS A 258 -5.04 -24.10 15.64
N ASP A 259 -4.11 -23.63 16.46
CA ASP A 259 -4.40 -23.35 17.86
C ASP A 259 -5.02 -21.98 18.08
N ASP A 260 -5.13 -21.17 17.02
CA ASP A 260 -5.68 -19.81 17.11
C ASP A 260 -4.93 -18.99 18.17
N LEU A 261 -3.66 -18.74 17.86
CA LEU A 261 -2.77 -18.00 18.76
C LEU A 261 -2.69 -16.56 18.26
N LYS A 262 -3.71 -15.79 18.62
CA LYS A 262 -3.85 -14.42 18.14
C LYS A 262 -2.90 -13.47 18.88
N PRO A 263 -2.60 -12.31 18.28
CA PRO A 263 -1.81 -11.30 19.01
C PRO A 263 -2.48 -10.80 20.27
N SER A 264 -3.82 -10.78 20.32
CA SER A 264 -4.51 -10.35 21.53
C SER A 264 -4.24 -11.29 22.69
N GLU A 265 -4.01 -12.58 22.40
CA GLU A 265 -3.65 -13.54 23.44
C GLU A 265 -2.20 -13.42 23.87
N ILE A 266 -1.43 -12.49 23.31
CA ILE A 266 0.01 -12.45 23.57
C ILE A 266 0.44 -11.04 23.98
N MET A 267 0.13 -10.05 23.16
CA MET A 267 0.50 -8.68 23.46
C MET A 267 -0.34 -8.11 24.60
N THR A 268 -0.22 -8.71 25.79
CA THR A 268 -0.95 -8.26 26.95
C THR A 268 -0.32 -7.00 27.53
N LYS A 269 -0.99 -6.43 28.53
CA LYS A 269 -0.40 -5.31 29.27
C LYS A 269 0.91 -5.72 29.92
N GLN A 270 1.04 -6.99 30.31
CA GLN A 270 2.30 -7.48 30.87
C GLN A 270 3.34 -7.64 29.78
N ALA A 271 2.94 -8.13 28.60
CA ALA A 271 3.88 -8.25 27.49
C ALA A 271 4.46 -6.90 27.10
N PHE A 272 3.63 -5.87 27.08
CA PHE A 272 4.14 -4.51 26.88
C PHE A 272 5.02 -4.09 28.05
N GLU A 273 4.64 -4.46 29.27
CA GLU A 273 5.40 -4.04 30.45
C GLU A 273 6.83 -4.56 30.41
N ASN A 274 7.03 -5.79 29.94
CA ASN A 274 8.38 -6.32 29.81
C ASN A 274 9.17 -5.54 28.76
N ALA A 275 8.51 -5.15 27.67
CA ALA A 275 9.21 -4.44 26.60
C ALA A 275 9.66 -3.05 27.05
N ILE A 276 8.78 -2.30 27.71
CA ILE A 276 9.13 -0.97 28.19
C ILE A 276 10.34 -1.05 29.12
N ARG A 277 10.38 -2.07 29.98
CA ARG A 277 11.56 -2.27 30.83
C ARG A 277 12.74 -2.74 30.01
N THR A 278 12.52 -3.63 29.05
CA THR A 278 13.61 -4.13 28.22
C THR A 278 14.21 -3.02 27.36
N ASN A 279 13.40 -2.06 26.95
CA ASN A 279 13.92 -0.90 26.22
C ASN A 279 14.96 -0.15 27.04
N ALA A 280 14.85 -0.20 28.36
CA ALA A 280 15.87 0.36 29.23
C ALA A 280 17.11 -0.51 29.25
N ALA A 281 16.94 -1.82 29.42
CA ALA A 281 18.09 -2.71 29.59
C ALA A 281 18.96 -2.78 28.34
N ILE A 282 18.37 -2.58 27.16
CA ILE A 282 19.13 -2.61 25.91
C ILE A 282 19.65 -1.24 25.49
N GLY A 283 19.23 -0.17 26.17
CA GLY A 283 19.52 1.16 25.70
C GLY A 283 18.72 1.56 24.48
N GLY A 284 17.45 1.17 24.44
CA GLY A 284 16.62 1.36 23.27
C GLY A 284 16.40 2.81 22.87
N SER A 285 15.70 3.01 21.76
CA SER A 285 15.52 4.32 21.18
C SER A 285 14.31 5.04 21.80
N THR A 286 14.18 6.32 21.44
CA THR A 286 13.02 7.11 21.83
C THR A 286 11.82 6.86 20.93
N ASN A 287 12.00 6.16 19.82
CA ASN A 287 10.91 5.86 18.90
C ASN A 287 10.18 4.57 19.24
N ALA A 288 10.76 3.71 20.08
CA ALA A 288 10.01 2.59 20.62
C ALA A 288 8.86 3.08 21.48
N VAL A 289 8.98 4.28 22.05
CA VAL A 289 7.88 4.89 22.80
C VAL A 289 6.66 5.05 21.90
N ILE A 290 6.81 5.82 20.83
CA ILE A 290 5.70 6.08 19.92
C ILE A 290 5.14 4.78 19.35
N HIS A 291 6.03 3.93 18.84
CA HIS A 291 5.58 2.72 18.16
C HIS A 291 4.89 1.74 19.11
N LEU A 292 5.32 1.68 20.37
CA LEU A 292 4.60 0.86 21.33
C LEU A 292 3.29 1.51 21.74
N LEU A 293 3.27 2.85 21.83
CA LEU A 293 2.02 3.55 22.11
C LEU A 293 1.03 3.37 20.98
N ALA A 294 1.49 3.48 19.73
CA ALA A 294 0.59 3.34 18.59
C ALA A 294 0.12 1.90 18.41
N ILE A 295 1.03 0.93 18.57
CA ILE A 295 0.65 -0.47 18.43
C ILE A 295 -0.37 -0.86 19.49
N ALA A 296 -0.27 -0.27 20.69
CA ALA A 296 -1.16 -0.65 21.78
C ALA A 296 -2.63 -0.41 21.43
N GLY A 297 -2.91 0.67 20.72
CA GLY A 297 -4.30 0.98 20.36
C GLY A 297 -4.91 -0.08 19.45
N ARG A 298 -4.13 -0.58 18.50
CA ARG A 298 -4.63 -1.59 17.57
C ARG A 298 -4.97 -2.90 18.27
N VAL A 299 -4.37 -3.16 19.44
CA VAL A 299 -4.72 -4.34 20.23
C VAL A 299 -5.78 -4.01 21.28
N GLY A 300 -6.02 -2.74 21.57
CA GLY A 300 -6.98 -2.36 22.58
C GLY A 300 -6.41 -2.44 23.98
N ILE A 301 -5.35 -1.68 24.24
CA ILE A 301 -4.68 -1.66 25.53
C ILE A 301 -4.41 -0.21 25.90
N ASP A 302 -4.58 0.12 27.18
CA ASP A 302 -4.38 1.48 27.67
C ASP A 302 -2.92 1.68 28.07
N LEU A 303 -2.08 1.86 27.06
CA LEU A 303 -0.73 2.32 27.30
C LEU A 303 -0.72 3.84 27.49
N SER A 304 0.39 4.36 28.02
CA SER A 304 0.48 5.78 28.28
C SER A 304 1.94 6.18 28.43
N LEU A 305 2.20 7.46 28.20
CA LEU A 305 3.52 8.02 28.51
C LEU A 305 3.83 7.87 29.99
N ASP A 306 2.81 7.80 30.84
CA ASP A 306 3.04 7.58 32.27
C ASP A 306 3.46 6.13 32.53
N ASP A 307 2.93 5.18 31.76
CA ASP A 307 3.38 3.80 31.90
C ASP A 307 4.84 3.65 31.49
N TRP A 308 5.33 4.50 30.60
CA TRP A 308 6.72 4.43 30.18
C TRP A 308 7.65 4.92 31.28
N ASP A 309 7.36 6.10 31.85
CA ASP A 309 8.16 6.62 32.94
C ASP A 309 8.11 5.69 34.15
N ARG A 310 6.95 5.12 34.43
CA ARG A 310 6.77 4.19 35.55
C ARG A 310 7.65 2.96 35.39
N CYS A 311 7.37 2.15 34.36
CA CYS A 311 8.12 0.91 34.18
C CYS A 311 9.56 1.13 33.77
N GLY A 312 9.89 2.30 33.21
CA GLY A 312 11.26 2.57 32.80
C GLY A 312 12.15 3.09 33.93
N ARG A 313 11.55 3.77 34.91
CA ARG A 313 12.33 4.35 35.99
C ARG A 313 13.05 3.26 36.79
N ASP A 314 14.31 3.53 37.12
CA ASP A 314 15.13 2.64 37.94
C ASP A 314 15.35 1.28 37.26
N VAL A 315 15.62 1.32 35.96
CA VAL A 315 16.05 0.14 35.22
C VAL A 315 17.33 0.52 34.46
N PRO A 316 18.43 -0.22 34.63
CA PRO A 316 19.70 0.21 34.04
C PRO A 316 19.99 -0.42 32.68
N THR A 317 20.66 0.33 31.81
CA THR A 317 21.06 -0.18 30.49
C THR A 317 22.31 -1.02 30.65
N ILE A 318 22.18 -2.33 30.49
CA ILE A 318 23.31 -3.26 30.69
C ILE A 318 23.95 -3.68 29.38
N VAL A 319 23.50 -3.13 28.25
CA VAL A 319 24.04 -3.48 26.93
C VAL A 319 24.92 -2.34 26.45
N ASN A 320 26.17 -2.65 26.17
CA ASN A 320 27.21 -1.66 25.91
C ASN A 320 27.39 -1.40 24.41
N LEU A 321 26.28 -1.18 23.70
CA LEU A 321 26.32 -0.88 22.28
C LEU A 321 26.18 0.63 22.04
N MET A 322 26.64 1.07 20.88
CA MET A 322 26.46 2.44 20.46
C MET A 322 24.97 2.71 20.19
N PRO A 323 24.52 3.97 20.33
CA PRO A 323 25.26 5.18 20.69
C PRO A 323 25.48 5.33 22.20
N SER A 324 24.75 4.55 22.99
CA SER A 324 24.88 4.66 24.44
C SER A 324 26.24 4.16 24.92
N GLY A 325 26.78 3.14 24.26
CA GLY A 325 28.01 2.53 24.73
C GLY A 325 29.14 2.45 23.72
N LYS A 326 29.66 1.25 23.51
CA LYS A 326 30.92 1.05 22.81
C LYS A 326 30.80 0.14 21.59
N TYR A 327 30.20 -1.04 21.75
CA TYR A 327 30.26 -2.07 20.71
C TYR A 327 29.08 -1.93 19.74
N LEU A 328 28.86 -2.96 18.93
CA LEU A 328 27.83 -2.99 17.90
C LEU A 328 26.99 -4.25 18.06
N MET A 329 25.98 -4.38 17.19
CA MET A 329 25.01 -5.47 17.33
C MET A 329 25.63 -6.85 17.16
N GLU A 330 26.78 -6.95 16.49
CA GLU A 330 27.44 -8.25 16.37
C GLU A 330 27.83 -8.78 17.75
N GLU A 331 28.58 -7.98 18.52
CA GLU A 331 28.99 -8.40 19.86
C GLU A 331 27.79 -8.79 20.71
N PHE A 332 26.68 -8.07 20.55
CA PHE A 332 25.45 -8.42 21.27
C PHE A 332 24.99 -9.83 20.95
N PHE A 333 25.06 -10.22 19.67
CA PHE A 333 24.61 -11.55 19.27
C PHE A 333 25.51 -12.64 19.83
N TYR A 334 26.83 -12.48 19.67
CA TYR A 334 27.75 -13.49 20.19
C TYR A 334 27.76 -13.51 21.72
N ALA A 335 27.40 -12.39 22.36
CA ALA A 335 27.30 -12.39 23.81
C ALA A 335 26.12 -13.22 24.31
N GLY A 336 25.16 -13.52 23.45
CA GLY A 336 24.00 -14.30 23.83
C GLY A 336 22.73 -13.77 23.20
N GLY A 337 22.62 -12.44 23.10
CA GLY A 337 21.46 -11.82 22.49
C GLY A 337 20.47 -11.30 23.52
N LEU A 338 19.21 -11.22 23.12
CA LEU A 338 18.13 -10.75 24.00
C LEU A 338 17.74 -11.77 25.07
N PRO A 339 17.74 -13.08 24.80
CA PRO A 339 17.45 -14.05 25.87
C PRO A 339 18.27 -13.85 27.13
N VAL A 340 19.50 -13.33 27.02
CA VAL A 340 20.28 -13.02 28.20
C VAL A 340 19.73 -11.78 28.90
N VAL A 341 19.31 -10.78 28.11
CA VAL A 341 18.82 -9.54 28.69
C VAL A 341 17.48 -9.74 29.38
N LEU A 342 16.64 -10.64 28.84
CA LEU A 342 15.37 -10.92 29.49
C LEU A 342 15.56 -11.80 30.71
N LYS A 343 16.46 -12.78 30.63
CA LYS A 343 16.80 -13.57 31.81
C LYS A 343 17.42 -12.70 32.90
N ARG A 344 18.17 -11.67 32.51
CA ARG A 344 18.71 -10.74 33.49
C ARG A 344 17.62 -9.96 34.19
N LEU A 345 16.46 -9.80 33.55
CA LEU A 345 15.33 -9.12 34.17
C LEU A 345 14.43 -10.07 34.95
N GLY A 346 14.55 -11.38 34.73
CA GLY A 346 13.80 -12.35 35.50
C GLY A 346 14.51 -12.73 36.78
N GLU A 347 15.83 -12.88 36.71
CA GLU A 347 16.63 -13.11 37.91
C GLU A 347 16.73 -11.87 38.80
N ALA A 348 16.28 -10.72 38.30
CA ALA A 348 16.25 -9.49 39.09
C ALA A 348 14.85 -9.10 39.54
N GLY A 349 13.82 -9.81 39.11
CA GLY A 349 12.47 -9.50 39.52
C GLY A 349 11.86 -8.30 38.82
N LEU A 350 12.20 -8.08 37.56
CA LEU A 350 11.66 -6.97 36.77
C LEU A 350 11.01 -7.47 35.48
N LEU A 351 10.48 -8.70 35.51
CA LEU A 351 9.92 -9.31 34.31
C LEU A 351 8.77 -10.23 34.70
N HIS A 352 7.69 -10.16 33.94
CA HIS A 352 6.53 -11.04 34.13
C HIS A 352 6.84 -12.35 33.41
N LYS A 353 7.35 -13.32 34.17
CA LYS A 353 7.77 -14.59 33.58
C LYS A 353 6.61 -15.38 33.01
N ASP A 354 5.36 -15.01 33.35
CA ASP A 354 4.21 -15.78 32.92
C ASP A 354 3.78 -15.47 31.50
N ALA A 355 4.24 -14.36 30.92
CA ALA A 355 3.77 -13.92 29.62
C ALA A 355 4.00 -15.00 28.57
N LEU A 356 2.99 -15.22 27.73
CA LEU A 356 3.03 -16.24 26.69
C LEU A 356 3.66 -15.68 25.43
N THR A 357 4.32 -16.56 24.68
CA THR A 357 4.95 -16.21 23.42
C THR A 357 4.40 -17.07 22.30
N VAL A 358 4.65 -16.64 21.06
CA VAL A 358 4.20 -17.35 19.88
C VAL A 358 4.73 -18.77 19.78
N SER A 359 5.72 -19.12 20.60
CA SER A 359 6.31 -20.44 20.58
C SER A 359 5.47 -21.49 21.30
N GLY A 360 4.41 -21.08 21.99
CA GLY A 360 3.68 -21.98 22.85
C GLY A 360 4.23 -22.09 24.26
N GLU A 361 5.45 -21.60 24.50
CA GLU A 361 6.05 -21.53 25.81
C GLU A 361 5.99 -20.10 26.32
N THR A 362 6.48 -19.89 27.53
CA THR A 362 6.51 -18.57 28.14
C THR A 362 7.87 -17.91 27.93
N VAL A 363 7.92 -16.61 28.24
CA VAL A 363 9.16 -15.86 28.10
C VAL A 363 10.26 -16.49 28.96
N TRP A 364 9.93 -16.87 30.19
CA TRP A 364 10.91 -17.49 31.07
C TRP A 364 11.29 -18.88 30.58
N ASP A 365 10.34 -19.62 30.03
CA ASP A 365 10.64 -20.96 29.53
C ASP A 365 11.62 -20.92 28.37
N GLU A 366 11.70 -19.80 27.65
CA GLU A 366 12.60 -19.67 26.52
C GLU A 366 13.93 -19.03 26.89
N VAL A 367 13.96 -18.15 27.89
CA VAL A 367 15.18 -17.45 28.27
C VAL A 367 15.80 -18.05 29.53
N LYS A 368 15.39 -19.26 29.92
CA LYS A 368 15.80 -19.81 31.20
C LYS A 368 17.27 -20.20 31.19
N ASP A 369 17.66 -21.13 30.33
CA ASP A 369 19.00 -21.73 30.38
C ASP A 369 19.92 -21.10 29.32
N VAL A 370 20.07 -19.78 29.39
CA VAL A 370 20.91 -19.05 28.45
C VAL A 370 22.12 -18.51 29.20
N VAL A 371 23.22 -18.37 28.47
CA VAL A 371 24.52 -17.98 29.04
C VAL A 371 24.91 -16.63 28.46
N ASN A 372 25.62 -15.84 29.27
CA ASN A 372 26.17 -14.55 28.85
C ASN A 372 27.64 -14.76 28.51
N TRP A 373 27.93 -14.93 27.22
CA TRP A 373 29.27 -15.24 26.76
C TRP A 373 30.16 -14.00 26.61
N ASN A 374 29.76 -12.86 27.18
CA ASN A 374 30.58 -11.65 27.15
C ASN A 374 30.08 -10.63 28.15
N GLU A 375 30.63 -10.63 29.37
CA GLU A 375 30.23 -9.66 30.37
C GLU A 375 30.65 -8.24 30.02
N ASP A 376 31.53 -8.06 29.03
CA ASP A 376 31.88 -6.72 28.58
C ASP A 376 30.79 -6.09 27.72
N VAL A 377 29.90 -6.90 27.16
CA VAL A 377 28.82 -6.40 26.31
C VAL A 377 27.53 -6.35 27.12
N ILE A 378 27.08 -7.52 27.60
CA ILE A 378 25.90 -7.59 28.46
C ILE A 378 26.42 -7.42 29.88
N LEU A 379 26.54 -6.17 30.32
CA LEU A 379 27.26 -5.85 31.54
C LEU A 379 26.48 -6.31 32.77
N PRO A 380 27.19 -6.67 33.86
CA PRO A 380 26.52 -6.98 35.12
C PRO A 380 25.97 -5.75 35.82
N ALA A 381 25.30 -5.94 36.95
CA ALA A 381 24.58 -4.84 37.60
C ALA A 381 25.54 -3.74 38.04
N GLU A 382 26.70 -4.11 38.58
CA GLU A 382 27.60 -3.10 39.15
C GLU A 382 28.19 -2.21 38.06
N LYS A 383 28.66 -2.80 36.97
CA LYS A 383 29.31 -2.06 35.89
C LYS A 383 28.32 -1.46 34.90
N ALA A 384 27.02 -1.46 35.21
CA ALA A 384 26.01 -1.03 34.26
C ALA A 384 26.28 0.39 33.78
N LEU A 385 25.82 0.68 32.56
CA LEU A 385 26.11 1.97 31.92
C LEU A 385 25.60 3.14 32.74
N THR A 386 24.29 3.18 33.00
CA THR A 386 23.69 4.30 33.70
C THR A 386 22.73 3.77 34.77
N SER A 387 22.67 4.48 35.89
CA SER A 387 21.85 4.08 37.03
C SER A 387 20.41 3.80 36.64
N SER A 388 19.66 4.84 36.30
CA SER A 388 18.28 4.70 35.83
C SER A 388 18.28 5.01 34.33
N GLY A 389 18.22 3.97 33.51
CA GLY A 389 18.33 4.09 32.08
C GLY A 389 17.05 4.05 31.30
N GLY A 390 15.90 3.89 31.96
CA GLY A 390 14.64 3.90 31.24
C GLY A 390 14.34 5.27 30.65
N ILE A 391 13.65 5.25 29.51
CA ILE A 391 13.26 6.50 28.86
C ILE A 391 12.34 7.28 29.79
N VAL A 392 12.68 8.55 30.01
CA VAL A 392 11.96 9.38 30.96
C VAL A 392 10.92 10.20 30.22
N VAL A 393 9.90 10.65 30.97
CA VAL A 393 8.84 11.48 30.44
C VAL A 393 8.76 12.74 31.30
N LEU A 394 8.77 13.90 30.64
CA LEU A 394 8.93 15.19 31.33
C LEU A 394 7.66 16.01 31.18
N ARG A 395 6.82 15.96 32.22
CA ARG A 395 5.66 16.85 32.28
C ARG A 395 6.11 18.26 32.65
N GLY A 396 5.29 19.24 32.30
CA GLY A 396 5.59 20.61 32.64
C GLY A 396 4.70 21.57 31.88
N ASN A 397 4.88 22.85 32.19
CA ASN A 397 4.10 23.89 31.52
C ASN A 397 4.43 23.95 30.03
N LEU A 398 5.69 23.70 29.68
CA LEU A 398 6.11 23.73 28.28
C LEU A 398 5.66 22.51 27.50
N ALA A 399 5.39 21.39 28.18
CA ALA A 399 4.94 20.16 27.54
C ALA A 399 3.94 19.45 28.45
N PRO A 400 2.71 19.95 28.52
CA PRO A 400 1.69 19.29 29.35
C PRO A 400 1.27 17.93 28.81
N LYS A 401 1.35 17.74 27.49
CA LYS A 401 1.02 16.44 26.91
C LYS A 401 2.18 15.45 26.95
N GLY A 402 3.41 15.92 27.13
CA GLY A 402 4.54 15.01 27.23
C GLY A 402 5.82 15.41 26.53
N ALA A 403 6.91 14.76 26.92
CA ALA A 403 8.23 14.93 26.31
C ALA A 403 9.14 13.86 26.86
N VAL A 404 10.01 13.32 26.00
CA VAL A 404 10.85 12.18 26.37
C VAL A 404 12.32 12.58 26.26
N LEU A 405 13.17 11.72 26.83
CA LEU A 405 14.61 11.93 26.80
C LEU A 405 15.29 10.57 26.87
N LYS A 406 16.41 10.46 26.16
CA LYS A 406 17.25 9.26 26.16
C LYS A 406 18.36 9.42 27.20
N PRO A 407 18.23 8.79 28.38
CA PRO A 407 19.18 9.05 29.47
C PRO A 407 20.54 8.40 29.26
N SER A 408 20.58 7.21 28.65
CA SER A 408 21.84 6.49 28.52
C SER A 408 22.80 7.16 27.55
N ALA A 409 22.30 8.03 26.67
CA ALA A 409 23.13 8.71 25.68
C ALA A 409 23.37 10.17 26.01
N ALA A 410 22.66 10.74 26.98
CA ALA A 410 22.81 12.14 27.32
C ALA A 410 24.07 12.37 28.15
N SER A 411 24.43 13.63 28.31
CA SER A 411 25.54 14.01 29.18
C SER A 411 25.04 14.16 30.60
N PRO A 412 25.61 13.47 31.58
CA PRO A 412 25.07 13.52 32.95
C PRO A 412 25.11 14.90 33.59
N HIS A 413 25.96 15.79 33.11
CA HIS A 413 26.08 17.13 33.70
C HIS A 413 25.10 18.12 33.09
N LEU A 414 24.30 17.71 32.11
CA LEU A 414 23.32 18.58 31.49
C LEU A 414 21.88 18.16 31.73
N LEU A 415 21.66 17.08 32.49
CA LEU A 415 20.29 16.66 32.79
C LEU A 415 19.57 17.67 33.67
N VAL A 416 20.31 18.43 34.47
CA VAL A 416 19.73 19.46 35.32
C VAL A 416 20.31 20.81 34.93
N HIS A 417 20.14 21.20 33.68
CA HIS A 417 20.67 22.46 33.17
C HIS A 417 19.58 23.52 33.14
N LYS A 418 20.01 24.78 33.23
CA LYS A 418 19.10 25.91 33.14
C LYS A 418 19.85 27.06 32.48
N GLY A 419 19.52 27.34 31.22
CA GLY A 419 20.19 28.40 30.48
C GLY A 419 19.29 29.15 29.53
N ARG A 420 19.90 30.03 28.72
CA ARG A 420 19.15 30.84 27.78
C ARG A 420 18.58 29.97 26.65
N ALA A 421 17.41 30.36 26.14
CA ALA A 421 16.79 29.69 25.01
C ALA A 421 17.13 30.45 23.72
N VAL A 422 17.65 29.71 22.74
CA VAL A 422 17.92 30.23 21.41
C VAL A 422 17.02 29.49 20.44
N VAL A 423 16.13 30.22 19.78
CA VAL A 423 14.99 29.64 19.08
C VAL A 423 15.22 29.63 17.59
N PHE A 424 14.82 28.54 16.94
CA PHE A 424 14.74 28.43 15.49
C PHE A 424 13.29 28.16 15.12
N GLU A 425 12.71 29.04 14.29
CA GLU A 425 11.28 28.95 14.00
C GLU A 425 10.93 27.65 13.29
N ASP A 426 11.66 27.33 12.22
CA ASP A 426 11.47 26.07 11.52
C ASP A 426 12.84 25.49 11.18
N ILE A 427 12.83 24.32 10.52
CA ILE A 427 14.09 23.66 10.18
C ILE A 427 14.91 24.51 9.23
N ASP A 428 14.25 25.29 8.36
CA ASP A 428 14.98 26.20 7.50
C ASP A 428 15.62 27.33 8.30
N ASP A 429 14.94 27.78 9.36
CA ASP A 429 15.53 28.76 10.26
C ASP A 429 16.68 28.16 11.09
N TYR A 430 16.79 26.83 11.11
CA TYR A 430 17.96 26.20 11.70
C TYR A 430 19.12 26.15 10.71
N LYS A 431 18.90 25.51 9.56
CA LYS A 431 19.96 25.27 8.59
C LYS A 431 20.39 26.54 7.86
N ALA A 432 20.17 27.71 8.48
CA ALA A 432 20.59 28.98 7.92
C ALA A 432 21.33 29.87 8.90
N LYS A 433 21.15 29.70 10.20
CA LYS A 433 21.83 30.51 11.21
C LYS A 433 22.87 29.76 12.00
N ILE A 434 22.68 28.44 12.19
CA ILE A 434 23.53 27.67 13.10
C ILE A 434 24.99 27.67 12.63
N ASN A 435 25.22 27.84 11.33
CA ASN A 435 26.56 27.92 10.77
C ASN A 435 26.92 29.34 10.36
N ASP A 436 26.60 30.31 11.21
CA ASP A 436 27.01 31.69 11.05
C ASP A 436 28.00 32.05 12.16
N ASP A 437 28.96 32.91 11.81
CA ASP A 437 29.95 33.32 12.80
C ASP A 437 29.33 34.12 13.93
N ASN A 438 28.24 34.84 13.65
CA ASN A 438 27.58 35.68 14.64
C ASN A 438 26.29 35.00 15.09
N LEU A 439 26.24 34.62 16.37
CA LEU A 439 25.07 33.99 16.95
C LEU A 439 25.20 33.97 18.47
N ASP A 440 24.22 34.55 19.17
CA ASP A 440 24.27 34.64 20.64
C ASP A 440 23.92 33.28 21.25
N ILE A 441 24.89 32.37 21.16
CA ILE A 441 24.76 31.04 21.74
C ILE A 441 26.13 30.63 22.30
N ASP A 442 26.11 29.99 23.46
CA ASP A 442 27.33 29.48 24.06
C ASP A 442 27.08 28.04 24.51
N GLU A 443 27.95 27.54 25.40
CA GLU A 443 27.84 26.17 25.84
C GLU A 443 26.64 25.94 26.76
N ASN A 444 26.06 27.00 27.32
CA ASN A 444 25.00 26.88 28.31
C ASN A 444 23.62 27.22 27.79
N CYS A 445 23.51 27.66 26.53
CA CYS A 445 22.20 27.98 25.99
C CYS A 445 21.40 26.70 25.71
N ILE A 446 20.11 26.89 25.44
CA ILE A 446 19.20 25.79 25.14
C ILE A 446 18.74 25.93 23.70
N MET A 447 18.92 24.88 22.91
CA MET A 447 18.56 24.90 21.50
C MET A 447 17.13 24.40 21.36
N VAL A 448 16.23 25.27 20.91
CA VAL A 448 14.83 24.95 20.74
C VAL A 448 14.43 25.22 19.29
N MET A 449 13.75 24.25 18.68
CA MET A 449 13.30 24.36 17.30
C MET A 449 11.85 23.88 17.21
N LYS A 450 11.05 24.58 16.42
CA LYS A 450 9.62 24.35 16.35
C LYS A 450 9.21 23.99 14.93
N ASN A 451 7.93 23.64 14.78
CA ASN A 451 7.34 23.25 13.50
C ASN A 451 8.07 22.05 12.90
N CYS A 452 8.14 20.97 13.69
CA CYS A 452 8.74 19.72 13.25
C CYS A 452 8.01 18.51 13.80
N GLY A 453 6.69 18.61 13.98
CA GLY A 453 5.91 17.54 14.53
C GLY A 453 5.13 16.78 13.48
N PRO A 454 4.13 16.01 13.91
CA PRO A 454 3.32 15.25 12.94
C PRO A 454 2.58 16.12 11.94
N LYS A 455 2.22 17.35 12.33
CA LYS A 455 1.54 18.27 11.43
C LYS A 455 2.41 19.42 10.96
N GLY A 456 3.60 19.59 11.53
CA GLY A 456 4.42 20.75 11.24
C GLY A 456 5.46 20.54 10.15
N TYR A 457 6.17 19.41 10.20
CA TYR A 457 7.30 19.22 9.28
C TYR A 457 6.85 19.06 7.83
N PRO A 458 5.86 18.22 7.49
CA PRO A 458 5.02 17.32 8.28
C PRO A 458 5.57 15.90 8.40
N GLY A 459 5.05 15.15 9.38
CA GLY A 459 5.41 13.76 9.55
C GLY A 459 6.25 13.45 10.77
N MET A 460 6.66 14.45 11.53
CA MET A 460 7.52 14.27 12.69
C MET A 460 8.83 13.59 12.28
N ALA A 461 9.78 14.38 11.79
CA ALA A 461 11.01 13.84 11.22
C ALA A 461 12.08 13.65 12.28
N GLU A 462 13.23 13.11 11.86
CA GLU A 462 14.36 12.87 12.75
C GLU A 462 15.34 14.04 12.62
N VAL A 463 15.01 15.12 13.32
CA VAL A 463 15.84 16.32 13.31
C VAL A 463 16.03 16.83 14.73
N GLY A 464 15.80 15.96 15.71
CA GLY A 464 15.97 16.36 17.09
C GLY A 464 17.43 16.56 17.48
N ASN A 465 18.30 15.67 17.02
CA ASN A 465 19.72 15.77 17.32
C ASN A 465 20.35 16.94 16.55
N MET A 466 20.04 18.17 16.98
CA MET A 466 20.51 19.35 16.27
C MET A 466 22.03 19.46 16.37
N GLY A 467 22.68 19.66 15.23
CA GLY A 467 24.11 19.85 15.22
C GLY A 467 24.49 21.15 15.91
N LEU A 468 25.47 21.07 16.81
CA LEU A 468 25.88 22.23 17.58
C LEU A 468 26.50 23.29 16.68
N PRO A 469 26.56 24.53 17.14
CA PRO A 469 27.32 25.55 16.40
C PRO A 469 28.79 25.17 16.35
N PRO A 470 29.42 25.28 15.17
CA PRO A 470 30.85 24.94 15.07
C PRO A 470 31.72 25.73 16.02
N LYS A 471 31.28 26.92 16.45
CA LYS A 471 32.05 27.69 17.43
C LYS A 471 31.99 27.10 18.82
N VAL A 472 31.08 26.16 19.09
CA VAL A 472 30.99 25.53 20.40
C VAL A 472 31.65 24.17 20.33
N LEU A 473 31.62 23.54 19.14
CA LEU A 473 32.30 22.27 18.96
C LEU A 473 33.82 22.43 19.03
N LYS A 474 34.35 23.56 18.56
CA LYS A 474 35.79 23.77 18.53
C LYS A 474 36.38 23.93 19.92
N LYS A 475 35.57 24.35 20.90
CA LYS A 475 36.06 24.37 22.28
C LYS A 475 36.32 22.96 22.79
N GLY A 476 35.52 21.99 22.36
CA GLY A 476 35.72 20.61 22.75
C GLY A 476 34.57 20.02 23.55
N ILE A 477 33.34 20.31 23.12
CA ILE A 477 32.14 19.81 23.77
C ILE A 477 31.13 19.43 22.70
N LEU A 478 30.53 18.25 22.83
CA LEU A 478 29.63 17.70 21.83
C LEU A 478 28.23 17.48 22.39
N ASP A 479 27.81 18.29 23.36
CA ASP A 479 26.52 18.11 24.01
C ASP A 479 25.98 19.44 24.48
N MET A 480 24.80 19.81 23.98
CA MET A 480 24.05 20.96 24.46
C MET A 480 22.59 20.57 24.52
N VAL A 481 21.87 21.16 25.47
CA VAL A 481 20.46 20.83 25.67
C VAL A 481 19.68 21.26 24.45
N ARG A 482 19.01 20.32 23.80
CA ARG A 482 18.24 20.55 22.59
C ARG A 482 16.79 20.15 22.81
N ILE A 483 15.87 21.07 22.54
CA ILE A 483 14.45 20.87 22.78
C ILE A 483 13.71 20.99 21.45
N SER A 484 13.08 19.90 21.02
CA SER A 484 12.34 19.92 19.77
C SER A 484 11.13 19.02 19.87
N ASP A 485 10.11 19.33 19.08
CA ASP A 485 8.89 18.53 18.99
C ASP A 485 9.02 17.39 17.98
N ALA A 486 10.22 17.14 17.47
CA ALA A 486 10.44 16.14 16.44
C ALA A 486 10.95 14.84 17.06
N ARG A 487 11.26 13.89 16.19
CA ARG A 487 11.89 12.63 16.58
C ARG A 487 13.40 12.72 16.34
N MET A 488 14.09 11.63 16.67
CA MET A 488 15.49 11.49 16.30
C MET A 488 15.79 10.00 16.19
N SER A 489 16.80 9.68 15.39
CA SER A 489 17.12 8.29 15.10
C SER A 489 17.56 7.56 16.37
N GLY A 490 17.38 6.23 16.36
CA GLY A 490 17.86 5.41 17.46
C GLY A 490 19.36 5.40 17.60
N THR A 491 20.09 5.84 16.57
CA THR A 491 21.53 5.96 16.61
C THR A 491 21.99 7.30 17.15
N ALA A 492 21.08 8.19 17.51
CA ALA A 492 21.44 9.53 17.95
C ALA A 492 21.78 9.53 19.44
N TYR A 493 22.48 10.60 19.85
CA TYR A 493 22.96 10.74 21.21
C TYR A 493 22.84 12.19 21.64
N GLY A 494 22.89 12.41 22.94
CA GLY A 494 22.94 13.74 23.51
C GLY A 494 21.80 14.00 24.48
N THR A 495 21.91 15.15 25.15
CA THR A 495 20.88 15.63 26.07
C THR A 495 19.83 16.38 25.25
N VAL A 496 18.98 15.60 24.59
CA VAL A 496 17.93 16.14 23.73
C VAL A 496 16.59 15.62 24.25
N VAL A 497 15.68 16.53 24.54
CA VAL A 497 14.33 16.18 24.95
C VAL A 497 13.43 16.20 23.71
N LEU A 498 12.71 15.11 23.49
CA LEU A 498 12.02 14.88 22.23
C LEU A 498 10.53 14.64 22.49
N HIS A 499 9.79 14.46 21.39
CA HIS A 499 8.36 14.18 21.44
C HIS A 499 7.59 15.24 22.22
N THR A 500 8.03 16.49 22.12
CA THR A 500 7.43 17.58 22.89
C THR A 500 5.97 17.78 22.51
N SER A 501 5.09 16.90 22.97
CA SER A 501 3.67 16.99 22.65
C SER A 501 3.02 18.07 23.50
N PRO A 502 2.17 18.93 22.91
CA PRO A 502 1.90 18.93 21.47
C PRO A 502 2.81 19.89 20.71
N GLU A 503 2.81 19.80 19.39
CA GLU A 503 3.73 20.56 18.56
C GLU A 503 3.31 22.04 18.52
N ALA A 504 3.94 22.80 17.64
CA ALA A 504 3.70 24.23 17.56
C ALA A 504 2.43 24.55 16.77
N ALA A 505 2.31 24.01 15.56
CA ALA A 505 1.20 24.32 14.66
C ALA A 505 -0.16 23.85 15.19
N VAL A 506 -0.22 23.23 16.36
CA VAL A 506 -1.49 22.83 16.97
C VAL A 506 -1.77 23.61 18.25
N GLY A 507 -0.94 24.61 18.56
CA GLY A 507 -1.14 25.42 19.74
C GLY A 507 -0.48 24.91 21.00
N GLY A 508 0.56 24.11 20.89
CA GLY A 508 1.31 23.67 22.05
C GLY A 508 2.13 24.82 22.61
N PRO A 509 2.33 24.81 23.93
CA PRO A 509 3.10 25.90 24.57
C PRO A 509 4.54 25.99 24.08
N LEU A 510 5.02 25.01 23.31
CA LEU A 510 6.33 25.13 22.70
C LEU A 510 6.36 26.23 21.64
N ALA A 511 5.19 26.53 21.04
CA ALA A 511 5.13 27.50 19.95
C ALA A 511 5.41 28.92 20.40
N VAL A 512 5.35 29.20 21.70
CA VAL A 512 5.45 30.58 22.18
C VAL A 512 6.84 30.95 22.69
N VAL A 513 7.76 29.99 22.75
CA VAL A 513 9.09 30.29 23.26
C VAL A 513 9.79 31.28 22.32
N LYS A 514 10.60 32.16 22.92
CA LYS A 514 11.23 33.26 22.20
C LYS A 514 12.66 33.43 22.72
N ASN A 515 13.51 34.01 21.87
CA ASN A 515 14.91 34.21 22.23
C ASN A 515 15.02 34.98 23.56
N GLY A 516 16.08 34.67 24.30
CA GLY A 516 16.33 35.30 25.58
C GLY A 516 15.69 34.61 26.77
N ASP A 517 14.66 33.79 26.55
CA ASP A 517 13.98 33.12 27.64
C ASP A 517 14.89 32.03 28.23
N MET A 518 14.50 31.55 29.42
CA MET A 518 15.24 30.52 30.13
C MET A 518 14.32 29.33 30.38
N ILE A 519 14.88 28.12 30.31
CA ILE A 519 14.13 26.88 30.46
C ILE A 519 14.79 26.04 31.55
N GLU A 520 13.96 25.48 32.43
CA GLU A 520 14.42 24.54 33.45
C GLU A 520 14.29 23.12 32.93
N LEU A 521 15.35 22.33 33.12
CA LEU A 521 15.34 20.91 32.76
C LEU A 521 15.71 20.10 34.00
N ASP A 522 14.82 19.20 34.41
CA ASP A 522 15.06 18.33 35.55
C ASP A 522 14.59 16.94 35.17
N VAL A 523 15.42 15.94 35.44
CA VAL A 523 15.14 14.57 34.99
C VAL A 523 14.73 13.68 36.15
N PRO A 524 15.45 13.64 37.28
CA PRO A 524 14.96 12.83 38.41
C PRO A 524 13.64 13.33 38.99
N ASN A 525 13.28 14.59 38.72
CA ASN A 525 11.99 15.12 39.11
C ASN A 525 10.97 15.13 37.96
N ARG A 526 11.43 14.89 36.73
CA ARG A 526 10.56 14.85 35.55
C ARG A 526 9.88 16.18 35.33
N ARG A 527 10.68 17.25 35.31
CA ARG A 527 10.16 18.63 35.18
C ARG A 527 10.88 19.32 34.04
N LEU A 528 10.15 19.57 32.95
CA LEU A 528 10.60 20.44 31.87
C LEU A 528 9.77 21.72 31.97
N HIS A 529 10.42 22.83 32.31
CA HIS A 529 9.73 24.01 32.82
C HIS A 529 10.20 25.26 32.09
N LEU A 530 9.25 26.08 31.67
CA LEU A 530 9.51 27.43 31.17
C LEU A 530 9.02 28.41 32.23
N ASP A 531 9.96 29.11 32.87
CA ASP A 531 9.65 29.98 34.00
C ASP A 531 9.47 31.40 33.50
N ILE A 532 8.24 31.72 33.08
CA ILE A 532 7.81 33.07 32.81
C ILE A 532 6.46 33.27 33.47
N SER A 533 6.00 34.52 33.47
CA SER A 533 4.66 34.79 33.99
C SER A 533 3.61 34.09 33.14
N ASP A 534 2.77 33.28 33.80
CA ASP A 534 1.68 32.62 33.09
C ASP A 534 0.80 33.61 32.34
N GLU A 535 0.77 34.86 32.78
CA GLU A 535 0.15 35.92 31.98
C GLU A 535 0.84 36.05 30.62
N GLU A 536 2.16 36.21 30.63
CA GLU A 536 2.91 36.29 29.38
C GLU A 536 2.72 35.04 28.53
N LEU A 537 2.59 33.88 29.18
CA LEU A 537 2.32 32.65 28.44
C LEU A 537 0.94 32.69 27.79
N ALA A 538 -0.11 32.79 28.61
CA ALA A 538 -1.48 32.67 28.11
C ALA A 538 -1.81 33.74 27.07
N ARG A 539 -1.13 34.88 27.10
CA ARG A 539 -1.33 35.87 26.03
C ARG A 539 -0.78 35.35 24.71
N ARG A 540 0.49 34.90 24.71
CA ARG A 540 1.09 34.38 23.48
C ARG A 540 0.29 33.24 22.89
N LEU A 541 -0.37 32.45 23.73
CA LEU A 541 -1.23 31.37 23.24
C LEU A 541 -2.37 31.93 22.39
N ALA A 542 -3.18 32.80 22.97
CA ALA A 542 -4.33 33.36 22.27
C ALA A 542 -3.94 34.36 21.18
N GLU A 543 -2.68 34.78 21.14
CA GLU A 543 -2.22 35.71 20.11
C GLU A 543 -1.55 35.01 18.93
N TRP A 544 -1.10 33.77 19.12
CA TRP A 544 -0.39 33.05 18.08
C TRP A 544 -1.34 32.55 17.01
N GLN A 545 -0.85 32.51 15.76
CA GLN A 545 -1.60 32.04 14.62
C GLN A 545 -0.75 31.08 13.79
N PRO A 546 -1.35 30.05 13.21
CA PRO A 546 -0.62 29.22 12.25
C PRO A 546 -0.30 30.02 10.99
N ASN A 547 0.70 29.52 10.26
CA ASN A 547 1.18 30.22 9.07
C ASN A 547 0.33 29.99 7.83
N HIS A 548 -0.79 29.27 7.96
CA HIS A 548 -1.62 28.88 6.81
C HIS A 548 -0.72 28.09 5.84
N ASP A 549 -1.03 28.15 4.55
CA ASP A 549 -0.32 27.38 3.52
C ASP A 549 -0.29 25.90 3.89
N LEU A 550 -1.45 25.28 3.76
CA LEU A 550 -1.69 23.88 4.04
C LEU A 550 -2.09 23.16 2.76
N PRO A 551 -1.90 21.85 2.70
CA PRO A 551 -2.33 21.10 1.51
C PRO A 551 -3.84 21.11 1.36
N THR A 552 -4.29 21.19 0.11
CA THR A 552 -5.71 21.22 -0.20
C THR A 552 -6.24 19.91 -0.75
N SER A 553 -5.37 18.91 -0.93
CA SER A 553 -5.78 17.61 -1.44
C SER A 553 -4.65 16.62 -1.21
N GLY A 554 -4.95 15.34 -1.42
CA GLY A 554 -3.95 14.29 -1.36
C GLY A 554 -3.88 13.62 -0.01
N TYR A 555 -2.90 12.70 0.11
CA TYR A 555 -2.67 12.04 1.38
C TYR A 555 -2.02 12.97 2.39
N ALA A 556 -1.20 13.91 1.92
CA ALA A 556 -0.66 14.93 2.82
C ALA A 556 -1.78 15.75 3.43
N PHE A 557 -2.93 15.84 2.75
CA PHE A 557 -4.10 16.48 3.34
C PHE A 557 -4.73 15.59 4.40
N LEU A 558 -4.96 14.31 4.06
CA LEU A 558 -5.56 13.38 5.02
C LEU A 558 -4.70 13.25 6.27
N HIS A 559 -3.38 13.30 6.12
CA HIS A 559 -2.49 13.23 7.27
C HIS A 559 -2.68 14.45 8.18
N GLN A 560 -2.72 15.65 7.59
CA GLN A 560 -2.82 16.88 8.36
C GLN A 560 -4.10 16.95 9.19
N GLN A 561 -5.09 16.12 8.88
CA GLN A 561 -6.40 16.18 9.53
C GLN A 561 -6.58 15.12 10.61
N HIS A 562 -6.33 13.86 10.29
CA HIS A 562 -6.69 12.75 11.15
C HIS A 562 -5.53 12.21 11.98
N VAL A 563 -4.33 12.77 11.85
CA VAL A 563 -3.19 12.33 12.65
C VAL A 563 -3.29 12.96 14.04
N GLU A 564 -2.42 12.53 14.95
CA GLU A 564 -2.48 13.00 16.33
C GLU A 564 -1.12 13.49 16.82
N GLY A 565 -0.72 13.05 18.01
CA GLY A 565 0.52 13.50 18.60
C GLY A 565 1.32 12.33 19.16
N ALA A 566 2.54 12.65 19.60
CA ALA A 566 3.45 11.62 20.10
C ALA A 566 2.92 10.98 21.38
N ASP A 567 2.23 11.75 22.23
CA ASP A 567 1.71 11.20 23.47
C ASP A 567 0.73 10.05 23.24
N THR A 568 0.14 9.99 22.05
CA THR A 568 -0.81 8.93 21.68
C THR A 568 -0.15 7.84 20.86
N GLY A 569 0.59 8.21 19.82
CA GLY A 569 1.22 7.24 18.95
C GLY A 569 1.29 7.73 17.51
N ALA A 570 0.93 9.00 17.30
CA ALA A 570 0.96 9.62 15.98
C ALA A 570 0.19 8.79 14.95
N ASP A 571 -0.92 8.21 15.39
CA ASP A 571 -1.76 7.39 14.54
C ASP A 571 -2.82 8.26 13.88
N LEU A 572 -3.49 7.69 12.87
CA LEU A 572 -4.68 8.30 12.31
C LEU A 572 -5.86 7.99 13.19
N ASP A 573 -6.70 9.00 13.44
CA ASP A 573 -7.72 8.89 14.47
C ASP A 573 -8.72 7.77 14.15
N PHE A 574 -9.10 7.63 12.88
CA PHE A 574 -10.09 6.63 12.50
C PHE A 574 -9.52 5.22 12.39
N LEU A 575 -8.28 5.00 12.83
CA LEU A 575 -7.60 3.73 12.61
C LEU A 575 -7.42 2.89 13.86
N LYS A 576 -7.68 3.45 15.04
CA LYS A 576 -7.46 2.70 16.27
C LYS A 576 -8.48 1.59 16.44
N GLY A 577 -8.08 0.52 17.12
CA GLY A 577 -8.97 -0.55 17.45
C GLY A 577 -8.92 -1.75 16.52
N CYS A 578 -8.93 -2.95 17.09
CA CYS A 578 -8.98 -4.18 16.31
C CYS A 578 -10.37 -4.32 15.69
N ARG A 579 -10.45 -4.19 14.38
CA ARG A 579 -11.71 -4.34 13.66
C ARG A 579 -12.02 -5.78 13.28
N GLY A 580 -11.17 -6.73 13.68
CA GLY A 580 -11.44 -8.13 13.51
C GLY A 580 -11.18 -8.63 12.10
N ASN A 581 -11.01 -9.95 12.01
CA ASN A 581 -10.87 -10.64 10.73
C ASN A 581 -12.21 -11.11 10.18
N ALA A 582 -13.26 -10.32 10.38
CA ALA A 582 -14.59 -10.67 9.89
C ALA A 582 -14.64 -10.46 8.39
N VAL A 583 -14.78 -11.56 7.64
CA VAL A 583 -14.91 -11.46 6.20
C VAL A 583 -16.11 -10.60 5.86
N GLY A 584 -15.98 -9.80 4.80
CA GLY A 584 -17.09 -9.01 4.32
C GLY A 584 -18.16 -9.87 3.68
N LYS A 585 -18.63 -9.48 2.51
CA LYS A 585 -19.57 -10.29 1.75
C LYS A 585 -18.92 -10.77 0.46
N ASP A 586 -19.57 -11.75 -0.17
CA ASP A 586 -18.98 -12.40 -1.33
C ASP A 586 -18.80 -11.42 -2.48
N SER A 587 -17.84 -11.71 -3.35
CA SER A 587 -17.48 -10.79 -4.42
C SER A 587 -18.41 -10.88 -5.62
N HIS A 588 -19.20 -11.94 -5.75
CA HIS A 588 -20.06 -12.13 -6.90
C HIS A 588 -21.43 -12.66 -6.52
N ALA B 14 12.69 18.34 -22.67
CA ALA B 14 13.65 19.11 -21.87
C ALA B 14 15.07 18.91 -22.41
N GLU B 15 16.02 19.61 -21.80
CA GLU B 15 17.41 19.58 -22.23
C GLU B 15 18.18 18.57 -21.39
N TRP B 16 18.81 17.59 -22.06
CA TRP B 16 19.69 16.64 -21.41
C TRP B 16 21.14 16.90 -21.84
N PRO B 17 22.11 16.79 -20.91
CA PRO B 17 21.97 16.40 -19.51
C PRO B 17 21.41 17.48 -18.59
N ARG B 18 21.02 17.07 -17.39
CA ARG B 18 20.48 17.97 -16.38
C ARG B 18 20.43 17.22 -15.05
N LYS B 19 20.22 17.97 -13.98
CA LYS B 19 20.11 17.38 -12.65
C LYS B 19 18.71 16.81 -12.46
N LEU B 20 18.63 15.50 -12.24
CA LEU B 20 17.36 14.82 -12.06
C LEU B 20 16.96 14.84 -10.58
N ARG B 21 15.68 14.56 -10.33
CA ARG B 21 15.16 14.65 -8.96
C ARG B 21 15.78 13.61 -8.02
N SER B 22 16.40 12.56 -8.57
CA SER B 22 17.09 11.59 -7.72
C SER B 22 18.40 12.11 -7.17
N GLN B 23 18.94 13.20 -7.73
CA GLN B 23 20.19 13.75 -7.24
C GLN B 23 20.01 14.50 -5.92
N GLU B 24 18.78 14.85 -5.55
CA GLU B 24 18.54 15.38 -4.21
C GLU B 24 18.89 14.36 -3.14
N TRP B 25 18.66 13.08 -3.44
CA TRP B 25 19.04 12.01 -2.52
C TRP B 25 20.50 11.62 -2.70
N TYR B 26 20.89 11.26 -3.91
CA TYR B 26 22.13 10.55 -4.18
C TYR B 26 23.23 11.45 -4.75
N GLY B 27 22.94 12.71 -5.03
CA GLY B 27 23.93 13.58 -5.64
C GLY B 27 24.50 14.62 -4.69
N GLY B 28 25.83 14.64 -4.55
CA GLY B 28 26.51 15.60 -3.71
C GLY B 28 27.33 14.92 -2.64
N THR B 29 27.90 15.75 -1.76
CA THR B 29 28.70 15.27 -0.62
C THR B 29 28.07 15.69 0.70
N SER B 30 26.77 15.94 0.72
CA SER B 30 26.09 16.33 1.94
C SER B 30 26.06 15.19 2.95
N ARG B 31 25.82 15.55 4.21
CA ARG B 31 25.65 14.54 5.24
C ARG B 31 24.42 13.69 4.97
N ASP B 32 23.34 14.31 4.49
CA ASP B 32 22.14 13.57 4.15
C ASP B 32 22.36 12.70 2.92
N VAL B 33 23.19 13.15 1.98
CA VAL B 33 23.44 12.38 0.77
C VAL B 33 24.23 11.12 1.10
N ILE B 34 25.31 11.27 1.89
CA ILE B 34 26.07 10.12 2.34
C ILE B 34 25.19 9.14 3.10
N TYR B 35 24.18 9.66 3.80
CA TYR B 35 23.22 8.79 4.48
C TYR B 35 22.37 8.01 3.48
N HIS B 36 21.91 8.68 2.42
CA HIS B 36 21.04 8.02 1.46
C HIS B 36 21.83 7.14 0.48
N ARG B 37 22.98 7.63 0.01
CA ARG B 37 23.73 6.90 -1.00
C ARG B 37 24.40 5.67 -0.40
N GLY B 38 25.15 5.85 0.68
CA GLY B 38 25.86 4.73 1.29
C GLY B 38 24.95 3.65 1.82
N TRP B 39 23.70 4.00 2.14
CA TRP B 39 22.76 2.99 2.59
C TRP B 39 22.30 2.10 1.43
N LEU B 40 22.07 2.70 0.26
CA LEU B 40 21.72 1.88 -0.91
C LEU B 40 22.92 1.09 -1.40
N LYS B 41 24.14 1.59 -1.15
CA LYS B 41 25.34 0.88 -1.58
C LYS B 41 25.51 -0.44 -0.84
N ASN B 42 24.81 -0.65 0.28
CA ASN B 42 24.94 -1.90 1.00
C ASN B 42 24.37 -3.08 0.24
N GLN B 43 23.67 -2.83 -0.87
CA GLN B 43 23.16 -3.88 -1.73
C GLN B 43 24.11 -4.21 -2.88
N GLY B 44 25.27 -3.56 -2.94
CA GLY B 44 26.26 -3.89 -3.96
C GLY B 44 26.08 -3.16 -5.27
N TYR B 45 26.05 -1.83 -5.22
CA TYR B 45 25.96 -1.03 -6.42
C TYR B 45 27.22 -0.21 -6.61
N PRO B 46 27.79 -0.17 -7.82
CA PRO B 46 28.98 0.64 -8.04
C PRO B 46 28.71 2.12 -7.79
N HIS B 47 29.79 2.88 -7.64
CA HIS B 47 29.67 4.29 -7.26
C HIS B 47 29.03 5.12 -8.35
N ASP B 48 29.28 4.78 -9.62
CA ASP B 48 28.82 5.61 -10.73
C ASP B 48 27.33 5.45 -11.02
N LEU B 49 26.63 4.57 -10.31
CA LEU B 49 25.18 4.51 -10.48
C LEU B 49 24.46 5.68 -9.83
N PHE B 50 25.16 6.46 -9.01
CA PHE B 50 24.60 7.66 -8.38
C PHE B 50 25.15 8.93 -9.02
N ASP B 51 25.52 8.86 -10.30
CA ASP B 51 26.15 9.98 -10.99
C ASP B 51 25.16 10.90 -11.67
N GLY B 52 23.87 10.60 -11.61
CA GLY B 52 22.85 11.41 -12.25
C GLY B 52 22.10 10.71 -13.36
N ARG B 53 22.52 9.51 -13.74
CA ARG B 53 21.79 8.75 -14.75
C ARG B 53 20.38 8.46 -14.24
N PRO B 54 19.42 8.30 -15.15
CA PRO B 54 18.02 8.13 -14.72
C PRO B 54 17.84 6.91 -13.83
N VAL B 55 17.28 7.14 -12.64
CA VAL B 55 16.88 6.06 -11.74
C VAL B 55 15.46 5.68 -12.08
N ILE B 56 15.25 4.42 -12.44
CA ILE B 56 13.97 3.93 -12.93
C ILE B 56 13.34 3.03 -11.87
N GLY B 57 12.20 3.45 -11.33
CA GLY B 57 11.46 2.63 -10.42
C GLY B 57 10.50 1.69 -11.15
N ILE B 58 10.65 0.40 -10.93
CA ILE B 58 9.82 -0.61 -11.57
C ILE B 58 8.76 -1.05 -10.58
N LEU B 59 7.52 -0.65 -10.83
CA LEU B 59 6.42 -0.86 -9.89
C LEU B 59 5.75 -2.18 -10.23
N ASN B 60 6.00 -3.21 -9.42
CA ASN B 60 5.56 -4.57 -9.70
C ASN B 60 4.37 -4.91 -8.80
N THR B 61 3.23 -5.23 -9.42
CA THR B 61 2.06 -5.68 -8.70
C THR B 61 2.02 -7.19 -8.54
N TRP B 62 3.17 -7.85 -8.56
CA TRP B 62 3.22 -9.29 -8.38
C TRP B 62 2.85 -9.68 -6.96
N SER B 63 2.11 -10.77 -6.83
CA SER B 63 1.73 -11.30 -5.54
C SER B 63 1.20 -12.72 -5.73
N ASP B 64 1.41 -13.57 -4.73
CA ASP B 64 0.87 -14.92 -4.80
C ASP B 64 -0.63 -14.95 -4.57
N MET B 65 -1.19 -13.92 -3.94
CA MET B 65 -2.64 -13.72 -3.87
C MET B 65 -3.20 -13.07 -5.12
N THR B 66 -2.38 -12.92 -6.17
CA THR B 66 -2.75 -12.18 -7.37
C THR B 66 -2.30 -12.99 -8.58
N PRO B 67 -3.03 -14.07 -8.88
CA PRO B 67 -2.51 -15.05 -9.85
C PRO B 67 -2.41 -14.52 -11.28
N CYS B 68 -3.22 -13.53 -11.65
CA CYS B 68 -3.06 -12.92 -12.95
C CYS B 68 -1.84 -12.02 -13.04
N ASN B 69 -1.05 -11.93 -11.96
CA ASN B 69 0.23 -11.23 -11.96
C ASN B 69 1.38 -12.16 -11.61
N GLY B 70 1.17 -13.47 -11.66
CA GLY B 70 2.17 -14.40 -11.15
C GLY B 70 3.47 -14.40 -11.94
N HIS B 71 3.40 -14.15 -13.24
CA HIS B 71 4.58 -14.11 -14.09
C HIS B 71 5.20 -12.72 -14.16
N LEU B 72 4.71 -11.75 -13.38
CA LEU B 72 5.22 -10.39 -13.47
C LEU B 72 6.58 -10.24 -12.81
N ARG B 73 6.98 -11.20 -11.97
CA ARG B 73 8.27 -11.09 -11.29
C ARG B 73 9.41 -11.34 -12.26
N GLU B 74 9.31 -12.41 -13.06
CA GLU B 74 10.32 -12.66 -14.09
C GLU B 74 10.27 -11.61 -15.18
N LEU B 75 9.14 -10.91 -15.35
CA LEU B 75 9.08 -9.81 -16.29
C LEU B 75 9.84 -8.59 -15.78
N ALA B 76 9.88 -8.38 -14.47
CA ALA B 76 10.67 -7.28 -13.91
C ALA B 76 12.15 -7.45 -14.21
N GLU B 77 12.62 -8.71 -14.28
CA GLU B 77 14.01 -8.96 -14.64
C GLU B 77 14.30 -8.47 -16.06
N LYS B 78 13.36 -8.68 -16.99
CA LYS B 78 13.54 -8.20 -18.35
C LYS B 78 13.57 -6.68 -18.40
N VAL B 79 12.73 -6.02 -17.60
CA VAL B 79 12.72 -4.56 -17.59
C VAL B 79 14.06 -4.03 -17.09
N LYS B 80 14.59 -4.62 -16.01
CA LYS B 80 15.87 -4.18 -15.47
C LYS B 80 16.98 -4.27 -16.51
N ALA B 81 17.03 -5.39 -17.23
CA ALA B 81 18.04 -5.55 -18.29
C ALA B 81 17.94 -4.43 -19.31
N GLY B 82 16.73 -4.09 -19.72
CA GLY B 82 16.54 -2.98 -20.64
C GLY B 82 17.02 -1.66 -20.07
N VAL B 83 16.81 -1.46 -18.77
CA VAL B 83 17.26 -0.23 -18.13
C VAL B 83 18.78 -0.22 -18.01
N TRP B 84 19.39 -1.37 -17.71
CA TRP B 84 20.85 -1.45 -17.68
C TRP B 84 21.43 -1.12 -19.04
N GLU B 85 20.89 -1.72 -20.11
CA GLU B 85 21.43 -1.52 -21.44
C GLU B 85 21.38 -0.05 -21.85
N ALA B 86 20.31 0.65 -21.50
CA ALA B 86 20.15 2.05 -21.86
C ALA B 86 20.91 2.99 -20.94
N GLY B 87 21.61 2.47 -19.94
CA GLY B 87 22.39 3.31 -19.05
C GLY B 87 21.65 3.86 -17.85
N GLY B 88 20.55 3.23 -17.45
CA GLY B 88 19.78 3.66 -16.30
C GLY B 88 20.13 2.89 -15.04
N PHE B 89 19.29 3.09 -14.02
CA PHE B 89 19.46 2.45 -12.72
C PHE B 89 18.12 1.91 -12.28
N PRO B 90 17.85 0.63 -12.50
CA PRO B 90 16.52 0.08 -12.18
C PRO B 90 16.40 -0.32 -10.72
N LEU B 91 15.24 -0.02 -10.13
CA LEU B 91 14.91 -0.43 -8.77
C LEU B 91 13.47 -0.91 -8.75
N GLU B 92 13.25 -2.10 -8.19
CA GLU B 92 11.93 -2.71 -8.17
C GLU B 92 11.18 -2.30 -6.91
N VAL B 93 9.95 -1.81 -7.09
CA VAL B 93 9.13 -1.36 -5.97
C VAL B 93 7.78 -2.06 -6.02
N PRO B 94 7.57 -3.10 -5.22
CA PRO B 94 6.24 -3.74 -5.19
C PRO B 94 5.20 -2.84 -4.54
N VAL B 95 4.00 -2.83 -5.12
CA VAL B 95 2.92 -1.97 -4.67
C VAL B 95 1.67 -2.80 -4.44
N PHE B 96 0.64 -2.14 -3.90
CA PHE B 96 -0.63 -2.79 -3.60
C PHE B 96 -1.23 -3.39 -4.86
N SER B 97 -1.58 -4.67 -4.81
CA SER B 97 -2.10 -5.41 -5.96
C SER B 97 -3.55 -5.80 -5.68
N ALA B 98 -4.48 -5.08 -6.31
CA ALA B 98 -5.90 -5.37 -6.14
C ALA B 98 -6.37 -6.27 -7.27
N SER B 99 -6.90 -7.44 -6.92
CA SER B 99 -7.34 -8.43 -7.90
C SER B 99 -8.75 -8.89 -7.55
N GLU B 100 -9.62 -8.92 -8.54
CA GLU B 100 -11.03 -9.27 -8.32
C GLU B 100 -11.24 -10.75 -8.08
N ASN B 101 -10.23 -11.60 -8.33
CA ASN B 101 -10.39 -13.04 -8.14
C ASN B 101 -9.94 -13.52 -6.77
N THR B 102 -9.56 -12.62 -5.87
CA THR B 102 -9.24 -12.98 -4.49
C THR B 102 -9.78 -12.03 -3.43
N PHE B 103 -9.91 -10.74 -3.72
CA PHE B 103 -10.32 -9.77 -2.72
C PHE B 103 -11.81 -9.86 -2.42
N ARG B 104 -12.18 -9.47 -1.21
CA ARG B 104 -13.56 -9.35 -0.77
C ARG B 104 -13.67 -8.15 0.16
N PRO B 105 -14.81 -7.44 0.17
CA PRO B 105 -16.07 -7.70 -0.55
C PRO B 105 -15.96 -7.58 -2.07
N THR B 106 -15.05 -6.73 -2.52
CA THR B 106 -14.72 -6.61 -3.94
C THR B 106 -13.43 -5.82 -4.06
N ALA B 107 -12.66 -6.11 -5.11
CA ALA B 107 -11.38 -5.45 -5.32
C ALA B 107 -11.53 -3.96 -5.64
N MET B 108 -12.75 -3.49 -5.88
CA MET B 108 -12.94 -2.10 -6.29
C MET B 108 -12.77 -1.13 -5.14
N MET B 109 -13.15 -1.53 -3.91
CA MET B 109 -13.00 -0.63 -2.78
C MET B 109 -11.55 -0.30 -2.48
N TYR B 110 -10.61 -1.06 -3.04
CA TYR B 110 -9.18 -0.87 -2.78
C TYR B 110 -8.43 -0.25 -3.95
N ARG B 111 -9.13 0.04 -5.06
CA ARG B 111 -8.44 0.60 -6.23
C ARG B 111 -7.81 1.95 -5.92
N ASN B 112 -8.51 2.80 -5.18
CA ASN B 112 -7.97 4.09 -4.81
C ASN B 112 -6.92 3.99 -3.71
N LEU B 113 -7.01 2.96 -2.86
CA LEU B 113 -5.97 2.70 -1.89
C LEU B 113 -4.64 2.39 -2.58
N ALA B 114 -4.69 1.52 -3.60
CA ALA B 114 -3.50 1.25 -4.39
C ALA B 114 -3.03 2.51 -5.12
N ALA B 115 -3.97 3.28 -5.65
CA ALA B 115 -3.61 4.54 -6.30
C ALA B 115 -2.99 5.51 -5.31
N LEU B 116 -3.50 5.53 -4.08
CA LEU B 116 -2.92 6.38 -3.05
C LEU B 116 -1.52 5.88 -2.66
N ALA B 117 -1.38 4.58 -2.45
CA ALA B 117 -0.08 4.04 -2.05
C ALA B 117 0.96 4.21 -3.15
N VAL B 118 0.57 3.94 -4.40
CA VAL B 118 1.50 4.09 -5.53
C VAL B 118 1.97 5.54 -5.64
N GLU B 119 1.06 6.49 -5.42
CA GLU B 119 1.41 7.90 -5.56
C GLU B 119 2.49 8.31 -4.56
N GLU B 120 2.29 7.96 -3.29
CA GLU B 120 3.25 8.34 -2.26
C GLU B 120 4.56 7.56 -2.41
N ALA B 121 4.51 6.38 -3.00
CA ALA B 121 5.73 5.61 -3.26
C ALA B 121 6.53 6.17 -4.42
N ILE B 122 5.92 6.99 -5.28
CA ILE B 122 6.64 7.63 -6.37
C ILE B 122 7.20 8.98 -5.96
N ARG B 123 6.42 9.76 -5.20
CA ARG B 123 6.86 11.10 -4.84
C ARG B 123 7.94 11.07 -3.76
N GLY B 124 7.78 10.18 -2.77
CA GLY B 124 8.71 10.16 -1.64
C GLY B 124 10.01 9.42 -1.89
N GLN B 125 10.02 8.49 -2.85
CA GLN B 125 11.25 7.74 -3.05
C GLN B 125 11.99 8.26 -4.28
N PRO B 126 13.32 8.13 -4.31
CA PRO B 126 14.09 8.71 -5.41
C PRO B 126 13.95 7.95 -6.72
N MET B 127 12.96 8.29 -7.52
CA MET B 127 12.81 7.72 -8.85
C MET B 127 12.45 8.82 -9.84
N ASP B 128 13.14 8.82 -10.99
CA ASP B 128 12.90 9.81 -12.03
C ASP B 128 11.92 9.31 -13.09
N GLY B 129 11.81 7.99 -13.26
CA GLY B 129 10.83 7.42 -14.16
C GLY B 129 10.26 6.16 -13.56
N CYS B 130 9.09 5.79 -14.05
CA CYS B 130 8.34 4.66 -13.52
C CYS B 130 7.96 3.70 -14.64
N VAL B 131 8.12 2.41 -14.36
CA VAL B 131 7.59 1.34 -15.20
C VAL B 131 6.46 0.67 -14.43
N LEU B 132 5.28 0.65 -15.03
CA LEU B 132 4.09 0.12 -14.37
C LEU B 132 3.88 -1.33 -14.83
N LEU B 133 4.27 -2.28 -13.97
CA LEU B 133 4.00 -3.69 -14.22
C LEU B 133 2.59 -4.00 -13.73
N VAL B 134 1.65 -4.10 -14.66
CA VAL B 134 0.24 -4.30 -14.34
C VAL B 134 -0.24 -5.57 -15.03
N GLY B 135 -1.45 -5.98 -14.67
CA GLY B 135 -2.05 -7.16 -15.26
C GLY B 135 -3.52 -7.31 -14.96
N CYS B 136 -3.85 -7.55 -13.69
CA CYS B 136 -5.23 -7.82 -13.32
C CYS B 136 -6.08 -6.56 -13.47
N ASP B 137 -7.39 -6.77 -13.38
CA ASP B 137 -8.41 -5.73 -13.53
C ASP B 137 -8.08 -4.37 -12.90
N THR B 139 -5.26 -3.44 -11.36
CA THR B 139 -3.84 -3.09 -11.35
C THR B 139 -3.53 -1.96 -12.33
N THR B 140 -4.12 -2.05 -13.54
CA THR B 140 -3.83 -1.06 -14.56
C THR B 140 -4.32 0.33 -14.20
N PRO B 141 -5.59 0.55 -13.83
CA PRO B 141 -6.02 1.94 -13.59
C PRO B 141 -5.41 2.56 -12.35
N SER B 142 -5.21 1.79 -11.28
CA SER B 142 -4.70 2.36 -10.04
C SER B 142 -3.30 2.92 -10.22
N LEU B 143 -2.40 2.16 -10.86
CA LEU B 143 -1.06 2.66 -11.11
C LEU B 143 -1.07 3.83 -12.09
N LEU B 144 -2.06 3.89 -12.99
CA LEU B 144 -2.20 5.04 -13.87
C LEU B 144 -2.78 6.25 -13.14
N MET B 145 -3.58 6.02 -12.10
CA MET B 145 -4.06 7.14 -11.29
C MET B 145 -2.93 7.73 -10.43
N GLY B 146 -2.11 6.87 -9.84
CA GLY B 146 -1.04 7.36 -8.98
C GLY B 146 0.07 8.02 -9.76
N ALA B 147 0.45 7.44 -10.91
CA ALA B 147 1.55 7.99 -11.68
C ALA B 147 1.17 9.30 -12.35
N ALA B 148 -0.09 9.42 -12.78
CA ALA B 148 -0.54 10.65 -13.42
C ALA B 148 -0.62 11.82 -12.45
N SER B 149 -0.76 11.55 -11.15
CA SER B 149 -0.79 12.61 -10.16
C SER B 149 0.59 13.16 -9.83
N CYS B 150 1.65 12.41 -10.15
CA CYS B 150 3.01 12.91 -10.00
C CYS B 150 3.60 13.43 -11.30
N ASP B 151 3.06 13.00 -12.44
CA ASP B 151 3.49 13.46 -13.76
C ASP B 151 4.99 13.23 -13.98
N LEU B 152 5.46 12.08 -13.57
CA LEU B 152 6.78 11.62 -13.95
C LEU B 152 6.68 10.73 -15.18
N PRO B 153 7.71 10.72 -16.04
CA PRO B 153 7.67 9.84 -17.22
C PRO B 153 7.37 8.40 -16.87
N SER B 154 6.29 7.86 -17.43
CA SER B 154 5.82 6.53 -17.06
C SER B 154 5.44 5.75 -18.31
N ILE B 155 5.38 4.44 -18.17
CA ILE B 155 5.08 3.55 -19.29
C ILE B 155 4.54 2.24 -18.71
N VAL B 156 3.70 1.57 -19.48
CA VAL B 156 2.95 0.41 -19.02
C VAL B 156 3.48 -0.86 -19.68
N VAL B 157 3.61 -1.92 -18.89
CA VAL B 157 3.88 -3.26 -19.38
C VAL B 157 2.75 -4.16 -18.89
N THR B 158 1.92 -4.64 -19.81
CA THR B 158 0.82 -5.52 -19.45
C THR B 158 1.33 -6.94 -19.24
N GLY B 159 0.79 -7.62 -18.23
CA GLY B 159 1.17 -8.99 -17.97
C GLY B 159 0.81 -9.92 -19.12
N GLY B 160 -0.40 -9.78 -19.65
CA GLY B 160 -0.84 -10.58 -20.76
C GLY B 160 -1.98 -11.51 -20.39
N PRO B 161 -2.75 -11.94 -21.38
CA PRO B 161 -3.86 -12.85 -21.11
C PRO B 161 -3.41 -14.29 -20.99
N MET B 162 -4.29 -15.11 -20.42
CA MET B 162 -4.04 -16.54 -20.37
C MET B 162 -4.26 -17.17 -21.75
N LEU B 163 -3.81 -18.41 -21.89
CA LEU B 163 -4.07 -19.16 -23.11
C LEU B 163 -5.53 -19.66 -23.10
N ASN B 164 -5.97 -20.12 -24.27
CA ASN B 164 -7.34 -20.59 -24.42
C ASN B 164 -7.59 -21.80 -23.54
N GLY B 165 -8.64 -21.71 -22.73
CA GLY B 165 -9.07 -22.84 -21.93
C GLY B 165 -9.82 -23.84 -22.77
N TYR B 166 -9.34 -25.07 -22.84
CA TYR B 166 -9.99 -26.14 -23.60
C TYR B 166 -10.53 -27.17 -22.63
N PHE B 167 -11.79 -27.57 -22.85
CA PHE B 167 -12.46 -28.54 -21.98
C PHE B 167 -13.23 -29.50 -22.87
N ARG B 168 -12.71 -30.73 -23.00
CA ARG B 168 -13.33 -31.78 -23.80
C ARG B 168 -13.40 -31.36 -25.27
N GLY B 169 -12.28 -30.86 -25.79
CA GLY B 169 -12.18 -30.46 -27.18
C GLY B 169 -12.98 -29.21 -27.49
N GLU B 170 -13.52 -28.57 -26.46
CA GLU B 170 -14.34 -27.38 -26.59
C GLU B 170 -13.58 -26.17 -26.06
N ARG B 171 -13.68 -25.06 -26.81
CA ARG B 171 -13.11 -23.80 -26.36
C ARG B 171 -13.89 -23.26 -25.16
N VAL B 172 -13.16 -22.79 -24.16
CA VAL B 172 -13.76 -22.31 -22.92
C VAL B 172 -13.09 -21.00 -22.53
N GLY B 173 -13.88 -19.98 -22.23
CA GLY B 173 -13.36 -18.68 -21.84
C GLY B 173 -13.42 -18.52 -20.33
N SER B 174 -12.26 -18.19 -19.75
CA SER B 174 -12.16 -17.98 -18.31
C SER B 174 -12.95 -16.75 -17.93
N GLY B 175 -14.15 -16.96 -17.37
CA GLY B 175 -15.02 -15.86 -17.02
C GLY B 175 -16.41 -16.00 -17.61
N THR B 176 -16.49 -15.95 -18.94
CA THR B 176 -17.79 -16.06 -19.61
C THR B 176 -18.36 -17.47 -19.44
N HIS B 177 -17.54 -18.50 -19.66
CA HIS B 177 -18.00 -19.87 -19.46
C HIS B 177 -18.21 -20.21 -18.00
N LEU B 178 -17.82 -19.32 -17.08
CA LEU B 178 -18.18 -19.51 -15.68
C LEU B 178 -19.68 -19.27 -15.46
N TRP B 179 -20.19 -18.16 -15.99
CA TRP B 179 -21.62 -17.88 -15.86
C TRP B 179 -22.44 -18.81 -16.75
N LYS B 180 -21.94 -19.11 -17.94
CA LYS B 180 -22.68 -19.95 -18.88
C LYS B 180 -22.93 -21.33 -18.29
N PHE B 181 -21.96 -21.85 -17.54
CA PHE B 181 -22.13 -23.13 -16.87
C PHE B 181 -22.87 -22.99 -15.55
N SER B 182 -22.89 -21.81 -14.95
CA SER B 182 -23.63 -21.60 -13.72
C SER B 182 -25.14 -21.62 -13.94
N GLU B 183 -25.58 -21.41 -15.18
CA GLU B 183 -27.01 -21.47 -15.50
C GLU B 183 -27.41 -22.84 -16.03
N MET B 184 -26.52 -23.52 -16.76
CA MET B 184 -26.80 -24.85 -17.26
C MET B 184 -26.98 -25.88 -16.14
N VAL B 185 -26.69 -25.51 -14.90
CA VAL B 185 -26.94 -26.39 -13.77
C VAL B 185 -28.24 -25.97 -13.09
N LYS B 186 -28.60 -24.69 -13.24
CA LYS B 186 -29.88 -24.22 -12.72
C LYS B 186 -31.01 -24.52 -13.70
N ALA B 187 -30.76 -24.33 -15.00
CA ALA B 187 -31.78 -24.65 -16.00
C ALA B 187 -31.99 -26.15 -16.14
N GLY B 188 -30.98 -26.95 -15.81
CA GLY B 188 -31.11 -28.40 -15.88
C GLY B 188 -30.52 -29.00 -17.13
N GLU B 189 -29.24 -28.71 -17.40
CA GLU B 189 -28.57 -29.26 -18.57
C GLU B 189 -27.11 -29.61 -18.30
N MET B 190 -26.66 -29.53 -17.05
CA MET B 190 -25.26 -29.81 -16.74
C MET B 190 -25.16 -30.27 -15.29
N THR B 191 -24.40 -31.32 -15.04
CA THR B 191 -24.11 -31.75 -13.69
C THR B 191 -23.00 -30.88 -13.11
N GLN B 192 -23.15 -30.51 -11.83
CA GLN B 192 -22.14 -29.71 -11.16
C GLN B 192 -20.77 -30.38 -11.18
N ALA B 193 -20.72 -31.69 -11.40
CA ALA B 193 -19.44 -32.36 -11.62
C ALA B 193 -18.75 -31.81 -12.86
N GLU B 194 -19.50 -31.65 -13.96
CA GLU B 194 -18.93 -31.04 -15.16
C GLU B 194 -18.51 -29.61 -14.89
N PHE B 195 -19.31 -28.86 -14.13
CA PHE B 195 -18.92 -27.52 -13.72
C PHE B 195 -17.69 -27.54 -12.81
N LEU B 196 -17.39 -28.67 -12.20
CA LEU B 196 -16.21 -28.83 -11.36
C LEU B 196 -15.05 -29.52 -12.07
N GLU B 197 -15.34 -30.50 -12.94
CA GLU B 197 -14.28 -31.15 -13.67
C GLU B 197 -13.62 -30.21 -14.67
N ALA B 198 -14.36 -29.22 -15.16
CA ALA B 198 -13.83 -28.22 -16.07
C ALA B 198 -13.07 -27.10 -15.37
N GLU B 199 -12.99 -27.14 -14.04
CA GLU B 199 -12.36 -26.06 -13.29
C GLU B 199 -10.86 -25.99 -13.57
N ALA B 200 -10.19 -27.14 -13.65
CA ALA B 200 -8.74 -27.14 -13.78
C ALA B 200 -8.31 -26.77 -15.21
N SER B 201 -9.16 -27.02 -16.20
CA SER B 201 -8.82 -26.75 -17.58
C SER B 201 -9.27 -25.37 -18.05
N MET B 202 -10.08 -24.66 -17.26
CA MET B 202 -10.57 -23.35 -17.67
C MET B 202 -9.49 -22.29 -17.57
N SER B 203 -8.62 -22.38 -16.57
CA SER B 203 -7.49 -21.47 -16.40
C SER B 203 -6.22 -22.31 -16.29
N ARG B 204 -5.40 -22.28 -17.35
CA ARG B 204 -4.28 -23.21 -17.45
C ARG B 204 -2.95 -22.54 -17.77
N SER B 205 -2.83 -21.22 -17.61
CA SER B 205 -1.56 -20.55 -17.86
C SER B 205 -1.49 -19.31 -16.99
N SER B 206 -0.32 -18.68 -16.99
CA SER B 206 -0.12 -17.45 -16.22
C SER B 206 -0.59 -16.26 -17.02
N GLY B 207 -1.41 -15.41 -16.40
CA GLY B 207 -1.98 -14.27 -17.08
C GLY B 207 -3.39 -13.97 -16.63
N THR B 208 -4.05 -13.01 -17.27
CA THR B 208 -5.40 -12.61 -16.90
C THR B 208 -6.40 -13.38 -17.77
N CYS B 209 -7.63 -12.88 -17.86
CA CYS B 209 -8.65 -13.57 -18.64
C CYS B 209 -8.25 -13.65 -20.10
N ASN B 210 -8.75 -14.68 -20.78
CA ASN B 210 -8.58 -14.82 -22.21
C ASN B 210 -9.77 -14.30 -23.00
N THR B 211 -10.79 -13.78 -22.33
CA THR B 211 -11.87 -13.08 -22.99
C THR B 211 -11.52 -11.59 -23.06
N MET B 212 -12.41 -10.80 -23.66
CA MET B 212 -12.23 -9.36 -23.64
C MET B 212 -12.76 -8.81 -22.31
N GLY B 213 -12.22 -9.31 -21.21
CA GLY B 213 -12.68 -8.90 -19.90
C GLY B 213 -12.09 -7.55 -19.51
N THR B 214 -12.12 -7.29 -18.19
CA THR B 214 -11.66 -6.00 -17.69
C THR B 214 -10.15 -5.84 -17.89
N ALA B 215 -9.38 -6.87 -17.56
CA ALA B 215 -7.93 -6.78 -17.72
C ALA B 215 -7.53 -6.68 -19.19
N SER B 216 -8.19 -7.44 -20.06
CA SER B 216 -7.91 -7.36 -21.48
C SER B 216 -8.36 -6.02 -22.07
N THR B 217 -9.41 -5.43 -21.51
CA THR B 217 -9.86 -4.13 -21.98
C THR B 217 -8.91 -3.03 -21.56
N MET B 218 -8.57 -2.97 -20.27
CA MET B 218 -7.65 -1.94 -19.79
C MET B 218 -6.27 -2.09 -20.41
N ALA B 219 -5.87 -3.33 -20.75
CA ALA B 219 -4.63 -3.51 -21.50
C ALA B 219 -4.71 -2.83 -22.85
N SER B 220 -5.88 -2.87 -23.48
CA SER B 220 -6.08 -2.14 -24.73
C SER B 220 -6.26 -0.64 -24.49
N MET B 221 -6.84 -0.26 -23.35
CA MET B 221 -7.01 1.16 -23.06
C MET B 221 -5.66 1.84 -22.86
N ALA B 222 -4.72 1.16 -22.21
CA ALA B 222 -3.39 1.73 -22.00
C ALA B 222 -2.64 1.90 -23.31
N GLU B 223 -2.91 1.06 -24.30
CA GLU B 223 -2.24 1.18 -25.59
C GLU B 223 -2.92 2.24 -26.46
N ALA B 224 -4.26 2.29 -26.44
CA ALA B 224 -4.96 3.33 -27.19
C ALA B 224 -4.67 4.71 -26.62
N LEU B 225 -4.39 4.80 -25.33
CA LEU B 225 -3.97 6.05 -24.72
C LEU B 225 -2.53 6.41 -25.04
N GLY B 226 -1.78 5.50 -25.67
CA GLY B 226 -0.39 5.77 -25.96
C GLY B 226 0.53 5.66 -24.77
N MET B 227 0.10 5.00 -23.70
CA MET B 227 0.93 4.81 -22.51
C MET B 227 1.67 3.48 -22.51
N ALA B 228 1.46 2.64 -23.52
CA ALA B 228 2.18 1.38 -23.66
C ALA B 228 2.69 1.26 -25.08
N LEU B 229 3.82 0.58 -25.23
CA LEU B 229 4.37 0.34 -26.56
C LEU B 229 3.36 -0.41 -27.42
N SER B 230 3.44 -0.19 -28.73
CA SER B 230 2.45 -0.74 -29.65
C SER B 230 2.50 -2.27 -29.64
N GLY B 231 1.33 -2.88 -29.50
CA GLY B 231 1.21 -4.33 -29.43
C GLY B 231 1.23 -4.91 -28.04
N ASN B 232 1.40 -4.09 -27.01
CA ASN B 232 1.47 -4.57 -25.63
C ASN B 232 0.17 -5.22 -25.16
N ALA B 233 -0.94 -4.96 -25.87
CA ALA B 233 -2.25 -5.36 -25.35
C ALA B 233 -2.43 -6.87 -25.36
N ALA B 234 -2.22 -7.51 -26.51
CA ALA B 234 -2.71 -8.87 -26.74
C ALA B 234 -1.65 -9.95 -26.70
N ILE B 235 -0.40 -9.64 -26.40
CA ILE B 235 0.63 -10.67 -26.31
C ILE B 235 0.34 -11.55 -25.10
N PRO B 236 0.16 -12.86 -25.28
CA PRO B 236 -0.11 -13.73 -24.12
C PRO B 236 1.05 -13.70 -23.13
N GLY B 237 0.70 -13.85 -21.85
CA GLY B 237 1.69 -13.72 -20.80
C GLY B 237 2.81 -14.74 -20.87
N VAL B 238 2.56 -15.90 -21.49
CA VAL B 238 3.56 -16.94 -21.63
C VAL B 238 4.25 -16.91 -22.98
N ASP B 239 3.99 -15.87 -23.79
CA ASP B 239 4.64 -15.73 -25.08
C ASP B 239 6.00 -15.09 -24.90
N SER B 240 6.95 -15.48 -25.76
CA SER B 240 8.30 -14.93 -25.69
C SER B 240 8.29 -13.43 -25.93
N ARG B 241 7.46 -12.97 -26.87
CA ARG B 241 7.43 -11.57 -27.25
C ARG B 241 6.87 -10.65 -26.16
N ARG B 242 6.33 -11.22 -25.09
CA ARG B 242 6.02 -10.43 -23.90
C ARG B 242 7.29 -10.10 -23.12
N LYS B 243 8.27 -11.00 -23.14
CA LYS B 243 9.56 -10.72 -22.52
C LYS B 243 10.39 -9.74 -23.35
N VAL B 244 10.25 -9.79 -24.67
CA VAL B 244 10.89 -8.80 -25.52
C VAL B 244 10.29 -7.42 -25.28
N MET B 245 8.96 -7.35 -25.21
CA MET B 245 8.29 -6.10 -24.91
C MET B 245 8.75 -5.53 -23.58
N ALA B 246 8.99 -6.39 -22.60
CA ALA B 246 9.41 -5.92 -21.28
C ALA B 246 10.79 -5.30 -21.32
N GLN B 247 11.72 -5.89 -22.08
CA GLN B 247 13.08 -5.36 -22.11
C GLN B 247 13.17 -4.09 -22.97
N LEU B 248 12.39 -4.01 -24.05
CA LEU B 248 12.38 -2.80 -24.86
C LEU B 248 11.72 -1.65 -24.11
N THR B 249 10.70 -1.95 -23.29
CA THR B 249 10.13 -0.93 -22.42
C THR B 249 11.15 -0.45 -21.40
N GLY B 250 11.99 -1.35 -20.90
CA GLY B 250 13.04 -0.95 -19.99
C GLY B 250 14.10 -0.08 -20.64
N ARG B 251 14.39 -0.33 -21.93
CA ARG B 251 15.32 0.52 -22.65
C ARG B 251 14.76 1.92 -22.84
N ARG B 252 13.47 2.03 -23.16
CA ARG B 252 12.90 3.31 -23.56
C ARG B 252 12.65 4.23 -22.38
N ILE B 253 12.28 3.69 -21.21
CA ILE B 253 11.93 4.54 -20.07
C ILE B 253 13.13 5.39 -19.65
N VAL B 254 14.35 4.94 -19.93
CA VAL B 254 15.52 5.76 -19.65
C VAL B 254 15.56 6.95 -20.60
N GLN B 255 15.10 6.78 -21.84
CA GLN B 255 15.03 7.91 -22.76
C GLN B 255 13.87 8.83 -22.42
N MET B 256 12.72 8.27 -22.04
CA MET B 256 11.58 9.10 -21.68
C MET B 256 11.89 10.02 -20.50
N VAL B 257 12.75 9.56 -19.58
CA VAL B 257 13.17 10.43 -18.49
C VAL B 257 14.05 11.56 -19.01
N LYS B 258 14.94 11.24 -19.96
CA LYS B 258 15.81 12.27 -20.52
C LYS B 258 15.01 13.29 -21.33
N ASP B 259 14.17 12.81 -22.23
CA ASP B 259 13.36 13.70 -23.06
C ASP B 259 12.20 14.33 -22.30
N ASP B 260 11.92 13.90 -21.07
CA ASP B 260 10.83 14.41 -20.25
C ASP B 260 9.49 14.24 -20.98
N LEU B 261 9.10 12.98 -21.10
CA LEU B 261 7.86 12.58 -21.78
C LEU B 261 6.87 12.16 -20.69
N LYS B 262 6.10 13.13 -20.20
CA LYS B 262 5.19 12.97 -19.08
C LYS B 262 3.86 12.40 -19.53
N PRO B 263 3.09 11.81 -18.61
CA PRO B 263 1.72 11.40 -18.96
C PRO B 263 0.83 12.56 -19.37
N SER B 264 1.11 13.77 -18.87
CA SER B 264 0.33 14.93 -19.28
C SER B 264 0.52 15.23 -20.77
N GLU B 265 1.72 14.97 -21.28
CA GLU B 265 2.00 15.20 -22.70
C GLU B 265 1.42 14.12 -23.61
N ILE B 266 0.88 13.05 -23.05
CA ILE B 266 0.45 11.91 -23.85
C ILE B 266 -1.06 11.70 -23.70
N MET B 267 -1.52 11.51 -22.46
CA MET B 267 -2.95 11.28 -22.19
C MET B 267 -3.70 12.59 -22.35
N THR B 268 -3.89 12.99 -23.61
CA THR B 268 -4.61 14.20 -23.94
C THR B 268 -6.09 13.88 -24.18
N LYS B 269 -6.87 14.92 -24.49
CA LYS B 269 -8.27 14.72 -24.83
C LYS B 269 -8.42 13.84 -26.07
N GLN B 270 -7.48 13.95 -27.02
CA GLN B 270 -7.50 13.08 -28.19
C GLN B 270 -7.24 11.63 -27.80
N ALA B 271 -6.36 11.40 -26.81
CA ALA B 271 -6.07 10.04 -26.38
C ALA B 271 -7.25 9.41 -25.67
N PHE B 272 -7.90 10.16 -24.78
CA PHE B 272 -9.07 9.62 -24.09
C PHE B 272 -10.21 9.33 -25.08
N GLU B 273 -10.35 10.16 -26.11
CA GLU B 273 -11.35 9.89 -27.14
C GLU B 273 -10.97 8.66 -27.96
N ASN B 274 -9.69 8.54 -28.32
CA ASN B 274 -9.24 7.37 -29.06
C ASN B 274 -9.49 6.09 -28.27
N ALA B 275 -9.37 6.16 -26.95
CA ALA B 275 -9.62 4.99 -26.12
C ALA B 275 -11.10 4.64 -26.10
N ILE B 276 -11.98 5.65 -26.02
CA ILE B 276 -13.41 5.39 -25.99
C ILE B 276 -13.86 4.72 -27.28
N ARG B 277 -13.34 5.15 -28.42
CA ARG B 277 -13.68 4.49 -29.69
C ARG B 277 -13.03 3.12 -29.79
N THR B 278 -11.80 2.98 -29.27
CA THR B 278 -11.17 1.68 -29.23
C THR B 278 -11.95 0.70 -28.35
N ASN B 279 -12.68 1.23 -27.37
CA ASN B 279 -13.49 0.36 -26.51
C ASN B 279 -14.67 -0.22 -27.26
N ALA B 280 -15.29 0.57 -28.13
CA ALA B 280 -16.42 0.06 -28.91
C ALA B 280 -15.97 -0.99 -29.92
N ALA B 281 -14.84 -0.76 -30.59
CA ALA B 281 -14.40 -1.66 -31.66
C ALA B 281 -14.09 -3.06 -31.13
N ILE B 282 -13.62 -3.15 -29.89
CA ILE B 282 -13.26 -4.45 -29.32
C ILE B 282 -14.36 -5.08 -28.50
N GLY B 283 -15.42 -4.34 -28.18
CA GLY B 283 -16.39 -4.79 -27.20
C GLY B 283 -15.92 -4.60 -25.78
N GLY B 284 -15.36 -3.42 -25.47
CA GLY B 284 -14.73 -3.21 -24.19
C GLY B 284 -15.69 -3.38 -23.02
N SER B 285 -15.10 -3.67 -21.87
CA SER B 285 -15.88 -3.90 -20.66
C SER B 285 -16.59 -2.62 -20.21
N THR B 286 -17.63 -2.82 -19.40
CA THR B 286 -18.36 -1.69 -18.84
C THR B 286 -17.53 -0.92 -17.81
N ASN B 287 -16.54 -1.58 -17.20
CA ASN B 287 -15.73 -0.91 -16.18
C ASN B 287 -14.75 0.08 -16.79
N ALA B 288 -14.50 0.01 -18.10
CA ALA B 288 -13.60 0.95 -18.74
C ALA B 288 -14.11 2.39 -18.66
N VAL B 289 -15.40 2.57 -18.39
CA VAL B 289 -15.94 3.93 -18.25
C VAL B 289 -15.47 4.56 -16.96
N ILE B 290 -15.61 3.84 -15.84
CA ILE B 290 -15.21 4.39 -14.54
C ILE B 290 -13.71 4.67 -14.51
N HIS B 291 -12.91 3.73 -15.01
CA HIS B 291 -11.46 3.85 -14.86
C HIS B 291 -10.90 4.95 -15.75
N LEU B 292 -11.42 5.09 -16.97
CA LEU B 292 -10.98 6.20 -17.82
C LEU B 292 -11.45 7.54 -17.27
N LEU B 293 -12.62 7.57 -16.62
CA LEU B 293 -13.06 8.80 -15.99
C LEU B 293 -12.19 9.14 -14.79
N ALA B 294 -11.70 8.13 -14.07
CA ALA B 294 -10.85 8.38 -12.91
C ALA B 294 -9.47 8.88 -13.35
N ILE B 295 -8.86 8.20 -14.33
CA ILE B 295 -7.54 8.61 -14.81
C ILE B 295 -7.60 10.02 -15.38
N ALA B 296 -8.70 10.38 -16.03
CA ALA B 296 -8.83 11.71 -16.59
C ALA B 296 -8.77 12.79 -15.52
N GLY B 297 -9.46 12.56 -14.39
CA GLY B 297 -9.45 13.54 -13.33
C GLY B 297 -8.09 13.75 -12.70
N ARG B 298 -7.21 12.75 -12.81
CA ARG B 298 -5.86 12.87 -12.25
C ARG B 298 -4.94 13.64 -13.17
N VAL B 299 -5.20 13.64 -14.48
CA VAL B 299 -4.33 14.33 -15.43
C VAL B 299 -4.72 15.78 -15.60
N GLY B 300 -6.02 16.04 -15.80
CA GLY B 300 -6.49 17.40 -15.97
C GLY B 300 -7.47 17.55 -17.12
N ILE B 301 -7.85 16.43 -17.71
CA ILE B 301 -8.78 16.42 -18.84
C ILE B 301 -10.20 16.28 -18.31
N ASP B 302 -11.08 17.20 -18.72
CA ASP B 302 -12.49 17.13 -18.36
C ASP B 302 -13.16 16.11 -19.27
N LEU B 303 -13.14 14.85 -18.87
CA LEU B 303 -13.85 13.80 -19.57
C LEU B 303 -15.20 13.60 -18.89
N SER B 304 -16.26 14.03 -19.55
CA SER B 304 -17.61 13.84 -19.03
C SER B 304 -18.18 12.51 -19.53
N LEU B 305 -19.12 11.96 -18.77
CA LEU B 305 -19.78 10.73 -19.18
C LEU B 305 -20.52 10.90 -20.50
N ASP B 306 -20.81 12.13 -20.90
CA ASP B 306 -21.37 12.37 -22.23
C ASP B 306 -20.37 11.99 -23.32
N ASP B 307 -19.08 12.27 -23.10
CA ASP B 307 -18.06 11.94 -24.09
C ASP B 307 -18.01 10.46 -24.41
N TRP B 308 -18.53 9.61 -23.52
CA TRP B 308 -18.60 8.18 -23.81
C TRP B 308 -19.71 7.86 -24.78
N ASP B 309 -20.89 8.45 -24.59
CA ASP B 309 -22.01 8.22 -25.49
C ASP B 309 -21.85 8.95 -26.81
N ARG B 310 -21.02 9.99 -26.86
CA ARG B 310 -20.80 10.70 -28.11
C ARG B 310 -19.76 9.98 -28.97
N CYS B 311 -18.60 9.68 -28.39
CA CYS B 311 -17.54 9.03 -29.16
C CYS B 311 -17.82 7.56 -29.39
N GLY B 312 -18.61 6.93 -28.51
CA GLY B 312 -18.89 5.51 -28.64
C GLY B 312 -19.92 5.18 -29.69
N ARG B 313 -20.87 6.07 -29.93
CA ARG B 313 -21.90 5.84 -30.93
C ARG B 313 -21.28 5.71 -32.31
N ASP B 314 -22.07 5.14 -33.23
CA ASP B 314 -21.69 4.93 -34.63
C ASP B 314 -20.27 4.36 -34.78
N VAL B 315 -19.91 3.46 -33.88
CA VAL B 315 -18.63 2.74 -33.95
C VAL B 315 -18.92 1.25 -33.76
N PRO B 316 -18.59 0.41 -34.73
CA PRO B 316 -18.91 -1.02 -34.63
C PRO B 316 -17.87 -1.82 -33.86
N THR B 317 -18.32 -2.95 -33.33
CA THR B 317 -17.44 -3.91 -32.66
C THR B 317 -16.91 -4.87 -33.71
N ILE B 318 -15.65 -4.67 -34.13
CA ILE B 318 -15.07 -5.49 -35.20
C ILE B 318 -14.28 -6.68 -34.65
N VAL B 319 -14.15 -6.79 -33.34
CA VAL B 319 -13.38 -7.87 -32.71
C VAL B 319 -14.36 -8.95 -32.27
N ASN B 320 -14.14 -10.18 -32.76
CA ASN B 320 -15.06 -11.29 -32.54
C ASN B 320 -14.54 -12.17 -31.40
N LEU B 321 -14.53 -11.59 -30.21
CA LEU B 321 -14.10 -12.29 -29.00
C LEU B 321 -15.23 -12.36 -27.98
N MET B 322 -15.17 -13.38 -27.12
CA MET B 322 -16.10 -13.48 -26.01
C MET B 322 -15.92 -12.28 -25.08
N PRO B 323 -16.98 -11.88 -24.35
CA PRO B 323 -18.32 -12.47 -24.31
C PRO B 323 -19.20 -12.12 -25.51
N SER B 324 -18.87 -11.04 -26.21
CA SER B 324 -19.68 -10.62 -27.34
C SER B 324 -19.55 -11.56 -28.53
N GLY B 325 -18.46 -12.31 -28.64
CA GLY B 325 -18.23 -13.06 -29.85
C GLY B 325 -18.04 -14.55 -29.67
N LYS B 326 -16.97 -15.08 -30.28
CA LYS B 326 -16.76 -16.51 -30.40
C LYS B 326 -15.35 -16.98 -30.04
N TYR B 327 -14.32 -16.17 -30.27
CA TYR B 327 -12.94 -16.57 -30.02
C TYR B 327 -12.41 -15.95 -28.72
N LEU B 328 -11.13 -16.17 -28.45
CA LEU B 328 -10.48 -15.69 -27.24
C LEU B 328 -9.25 -14.86 -27.60
N MET B 329 -8.55 -14.36 -26.58
CA MET B 329 -7.48 -13.39 -26.80
C MET B 329 -6.32 -13.94 -27.61
N GLU B 330 -6.19 -15.26 -27.72
CA GLU B 330 -5.12 -15.83 -28.53
C GLU B 330 -5.30 -15.48 -30.00
N GLU B 331 -6.46 -15.80 -30.56
CA GLU B 331 -6.73 -15.50 -31.97
C GLU B 331 -6.67 -14.00 -32.23
N PHE B 332 -7.03 -13.18 -31.24
CA PHE B 332 -6.94 -11.74 -31.42
C PHE B 332 -5.50 -11.28 -31.62
N PHE B 333 -4.54 -12.01 -31.04
CA PHE B 333 -3.14 -11.63 -31.15
C PHE B 333 -2.54 -12.09 -32.49
N TYR B 334 -2.93 -13.26 -32.97
CA TYR B 334 -2.39 -13.74 -34.25
C TYR B 334 -2.98 -12.98 -35.42
N ALA B 335 -4.20 -12.47 -35.27
CA ALA B 335 -4.80 -11.64 -36.32
C ALA B 335 -4.09 -10.31 -36.47
N GLY B 336 -3.32 -9.89 -35.46
CA GLY B 336 -2.61 -8.62 -35.54
C GLY B 336 -2.73 -7.83 -34.26
N GLY B 337 -3.72 -8.15 -33.43
CA GLY B 337 -3.86 -7.50 -32.15
C GLY B 337 -4.64 -6.19 -32.24
N LEU B 338 -4.32 -5.27 -31.33
CA LEU B 338 -4.93 -3.95 -31.25
C LEU B 338 -4.45 -3.00 -32.34
N PRO B 339 -3.16 -2.99 -32.72
CA PRO B 339 -2.74 -2.12 -33.83
C PRO B 339 -3.56 -2.29 -35.10
N VAL B 340 -4.10 -3.48 -35.34
CA VAL B 340 -5.01 -3.65 -36.47
C VAL B 340 -6.31 -2.91 -36.23
N VAL B 341 -6.81 -2.95 -34.98
CA VAL B 341 -8.04 -2.23 -34.65
C VAL B 341 -7.82 -0.72 -34.76
N LEU B 342 -6.66 -0.24 -34.34
CA LEU B 342 -6.39 1.19 -34.40
C LEU B 342 -6.19 1.66 -35.83
N LYS B 343 -5.71 0.78 -36.72
CA LYS B 343 -5.65 1.16 -38.13
C LYS B 343 -7.03 1.19 -38.76
N ARG B 344 -7.88 0.22 -38.42
CA ARG B 344 -9.24 0.20 -38.94
C ARG B 344 -10.03 1.42 -38.49
N LEU B 345 -9.75 1.93 -37.29
CA LEU B 345 -10.36 3.19 -36.87
C LEU B 345 -9.84 4.35 -37.70
N GLY B 346 -8.54 4.36 -38.00
CA GLY B 346 -7.98 5.40 -38.84
C GLY B 346 -8.46 5.32 -40.28
N GLU B 347 -8.67 4.10 -40.79
CA GLU B 347 -9.21 3.94 -42.13
C GLU B 347 -10.64 4.46 -42.24
N ALA B 348 -11.36 4.55 -41.12
CA ALA B 348 -12.72 5.05 -41.10
C ALA B 348 -12.82 6.50 -40.64
N GLY B 349 -11.70 7.21 -40.58
CA GLY B 349 -11.70 8.59 -40.13
C GLY B 349 -12.19 8.76 -38.71
N LEU B 350 -11.81 7.84 -37.81
CA LEU B 350 -12.25 7.86 -36.43
C LEU B 350 -11.09 7.85 -35.45
N LEU B 351 -9.90 8.27 -35.89
CA LEU B 351 -8.69 8.20 -35.08
C LEU B 351 -7.94 9.52 -35.15
N HIS B 352 -7.48 9.98 -33.99
CA HIS B 352 -6.58 11.14 -33.92
C HIS B 352 -5.18 10.66 -34.26
N LYS B 353 -4.88 10.67 -35.57
CA LYS B 353 -3.63 10.12 -36.07
C LYS B 353 -2.40 10.87 -35.57
N ASP B 354 -2.56 12.02 -34.95
CA ASP B 354 -1.45 12.81 -34.45
C ASP B 354 -1.22 12.62 -32.95
N ALA B 355 -1.93 11.70 -32.32
CA ALA B 355 -1.75 11.46 -30.89
C ALA B 355 -0.37 10.88 -30.61
N LEU B 356 0.40 11.58 -29.79
CA LEU B 356 1.74 11.12 -29.44
C LEU B 356 1.66 9.92 -28.51
N THR B 357 2.64 9.03 -28.63
CA THR B 357 2.74 7.82 -27.84
C THR B 357 4.01 7.87 -27.00
N VAL B 358 4.18 6.83 -26.16
CA VAL B 358 5.40 6.72 -25.35
C VAL B 358 6.64 6.44 -26.19
N SER B 359 6.47 6.07 -27.46
CA SER B 359 7.59 5.78 -28.33
C SER B 359 8.18 7.02 -28.98
N GLY B 360 7.57 8.19 -28.78
CA GLY B 360 7.96 9.38 -29.50
C GLY B 360 7.34 9.52 -30.87
N GLU B 361 6.67 8.47 -31.37
CA GLU B 361 5.96 8.52 -32.64
C GLU B 361 4.46 8.71 -32.39
N THR B 362 3.74 8.96 -33.47
CA THR B 362 2.29 9.12 -33.39
C THR B 362 1.63 7.75 -33.48
N VAL B 363 0.41 7.67 -32.93
CA VAL B 363 -0.32 6.40 -32.91
C VAL B 363 -0.56 5.89 -34.33
N TRP B 364 -0.68 6.80 -35.30
CA TRP B 364 -0.83 6.37 -36.68
C TRP B 364 0.49 5.87 -37.26
N ASP B 365 1.59 6.59 -36.99
CA ASP B 365 2.89 6.18 -37.50
C ASP B 365 3.30 4.79 -37.02
N GLU B 366 2.68 4.30 -35.94
CA GLU B 366 3.03 3.00 -35.39
C GLU B 366 2.18 1.87 -35.95
N VAL B 367 0.97 2.17 -36.42
CA VAL B 367 0.02 1.12 -36.84
C VAL B 367 -0.42 1.25 -38.29
N LYS B 368 0.06 2.26 -39.02
CA LYS B 368 -0.44 2.49 -40.38
C LYS B 368 -0.04 1.40 -41.36
N ASP B 369 0.93 0.55 -41.01
CA ASP B 369 1.45 -0.46 -41.93
C ASP B 369 1.39 -1.84 -41.31
N VAL B 370 0.24 -2.18 -40.72
CA VAL B 370 0.02 -3.52 -40.16
C VAL B 370 -1.02 -4.24 -41.00
N VAL B 371 -1.11 -5.55 -40.81
CA VAL B 371 -1.96 -6.42 -41.61
C VAL B 371 -2.89 -7.20 -40.70
N ASN B 372 -4.13 -7.39 -41.14
CA ASN B 372 -5.09 -8.23 -40.46
C ASN B 372 -4.94 -9.64 -40.99
N TRP B 373 -4.40 -10.54 -40.17
CA TRP B 373 -4.13 -11.91 -40.57
C TRP B 373 -5.32 -12.84 -40.38
N ASN B 374 -6.46 -12.34 -39.91
CA ASN B 374 -7.63 -13.19 -39.72
C ASN B 374 -8.87 -12.29 -39.70
N GLU B 375 -9.65 -12.33 -40.78
CA GLU B 375 -10.87 -11.55 -40.88
C GLU B 375 -12.06 -12.22 -40.20
N ASP B 376 -11.90 -13.43 -39.67
CA ASP B 376 -12.94 -14.03 -38.84
C ASP B 376 -12.82 -13.59 -37.38
N VAL B 377 -11.67 -13.04 -36.99
CA VAL B 377 -11.46 -12.59 -35.62
C VAL B 377 -11.66 -11.08 -35.55
N ILE B 378 -10.84 -10.33 -36.30
CA ILE B 378 -11.03 -8.89 -36.46
C ILE B 378 -11.86 -8.73 -37.73
N LEU B 379 -13.17 -8.65 -37.55
CA LEU B 379 -14.11 -8.75 -38.65
C LEU B 379 -14.06 -7.53 -39.55
N PRO B 380 -14.47 -7.66 -40.81
CA PRO B 380 -14.71 -6.48 -41.63
C PRO B 380 -15.93 -5.72 -41.14
N ALA B 381 -16.01 -4.45 -41.53
CA ALA B 381 -17.02 -3.56 -40.97
C ALA B 381 -18.43 -4.03 -41.25
N GLU B 382 -18.69 -4.52 -42.46
CA GLU B 382 -20.02 -4.99 -42.80
C GLU B 382 -20.41 -6.24 -42.03
N LYS B 383 -19.43 -6.99 -41.51
CA LYS B 383 -19.68 -8.21 -40.77
C LYS B 383 -19.46 -8.03 -39.27
N ALA B 384 -19.51 -6.80 -38.78
CA ALA B 384 -19.30 -6.54 -37.37
C ALA B 384 -20.43 -7.14 -36.53
N LEU B 385 -20.13 -7.38 -35.26
CA LEU B 385 -21.15 -7.91 -34.34
C LEU B 385 -22.27 -6.91 -34.13
N THR B 386 -21.97 -5.62 -34.17
CA THR B 386 -22.96 -4.57 -33.99
C THR B 386 -22.54 -3.35 -34.78
N SER B 387 -23.50 -2.69 -35.43
CA SER B 387 -23.19 -1.54 -36.26
C SER B 387 -22.75 -0.34 -35.43
N SER B 388 -23.11 -0.30 -34.14
CA SER B 388 -22.68 0.78 -33.24
C SER B 388 -22.65 0.17 -31.83
N GLY B 389 -21.57 -0.54 -31.53
CA GLY B 389 -21.48 -1.23 -30.26
C GLY B 389 -20.84 -0.43 -29.15
N GLY B 390 -20.81 0.89 -29.29
CA GLY B 390 -20.30 1.72 -28.23
C GLY B 390 -21.17 1.65 -26.99
N ILE B 391 -20.53 1.72 -25.82
CA ILE B 391 -21.27 1.69 -24.57
C ILE B 391 -22.18 2.90 -24.50
N VAL B 392 -23.46 2.66 -24.31
CA VAL B 392 -24.47 3.71 -24.34
C VAL B 392 -24.73 4.20 -22.92
N VAL B 393 -25.16 5.46 -22.81
CA VAL B 393 -25.48 6.07 -21.53
C VAL B 393 -26.96 6.41 -21.52
N LEU B 394 -27.65 5.99 -20.46
CA LEU B 394 -29.10 6.06 -20.38
C LEU B 394 -29.51 7.08 -19.32
N ARG B 395 -29.50 8.36 -19.71
CA ARG B 395 -30.01 9.40 -18.85
C ARG B 395 -31.52 9.30 -18.73
N GLY B 396 -32.04 9.54 -17.52
CA GLY B 396 -33.47 9.48 -17.30
C GLY B 396 -33.88 10.05 -15.95
N ASN B 397 -34.84 9.40 -15.29
CA ASN B 397 -35.21 9.76 -13.92
C ASN B 397 -34.89 8.67 -12.91
N LEU B 398 -34.95 7.40 -13.32
CA LEU B 398 -34.45 6.33 -12.46
C LEU B 398 -32.95 6.44 -12.26
N ALA B 399 -32.24 6.95 -13.26
CA ALA B 399 -30.80 7.20 -13.19
C ALA B 399 -30.54 8.60 -13.72
N PRO B 400 -30.75 9.63 -12.90
CA PRO B 400 -30.56 11.00 -13.39
C PRO B 400 -29.12 11.33 -13.74
N LYS B 401 -28.16 10.87 -12.93
CA LYS B 401 -26.76 11.18 -13.21
C LYS B 401 -26.19 10.32 -14.33
N GLY B 402 -26.56 9.05 -14.37
CA GLY B 402 -26.09 8.18 -15.44
C GLY B 402 -26.35 6.70 -15.27
N ALA B 403 -26.39 5.99 -16.40
CA ALA B 403 -26.52 4.55 -16.43
C ALA B 403 -25.98 4.06 -17.76
N VAL B 404 -25.37 2.87 -17.76
CA VAL B 404 -24.68 2.36 -18.93
C VAL B 404 -25.17 0.95 -19.26
N LEU B 405 -24.91 0.55 -20.50
CA LEU B 405 -25.26 -0.78 -21.00
C LEU B 405 -24.26 -1.15 -22.09
N LYS B 406 -23.83 -2.41 -22.09
CA LYS B 406 -22.93 -2.91 -23.12
C LYS B 406 -23.75 -3.55 -24.24
N PRO B 407 -23.90 -2.86 -25.38
CA PRO B 407 -24.85 -3.35 -26.39
C PRO B 407 -24.39 -4.59 -27.14
N SER B 408 -23.08 -4.80 -27.31
CA SER B 408 -22.59 -5.89 -28.13
C SER B 408 -23.05 -7.24 -27.60
N ALA B 409 -23.00 -7.43 -26.28
CA ALA B 409 -23.44 -8.67 -25.66
C ALA B 409 -24.92 -8.66 -25.30
N ALA B 410 -25.61 -7.54 -25.48
CA ALA B 410 -27.00 -7.45 -25.11
C ALA B 410 -27.90 -8.05 -26.19
N SER B 411 -29.04 -8.60 -25.76
CA SER B 411 -30.00 -9.13 -26.71
C SER B 411 -30.64 -7.99 -27.50
N PRO B 412 -30.82 -8.16 -28.82
CA PRO B 412 -31.28 -7.03 -29.64
C PRO B 412 -32.72 -6.63 -29.37
N HIS B 413 -33.59 -7.56 -29.00
CA HIS B 413 -35.01 -7.24 -28.84
C HIS B 413 -35.34 -6.68 -27.47
N LEU B 414 -34.47 -6.86 -26.47
CA LEU B 414 -34.70 -6.32 -25.14
C LEU B 414 -34.20 -4.90 -24.97
N LEU B 415 -33.47 -4.35 -25.95
CA LEU B 415 -32.99 -2.98 -25.84
C LEU B 415 -34.14 -1.98 -25.84
N VAL B 416 -35.27 -2.34 -26.43
CA VAL B 416 -36.51 -1.58 -26.32
C VAL B 416 -37.50 -2.49 -25.62
N HIS B 417 -37.63 -2.33 -24.30
CA HIS B 417 -38.47 -3.20 -23.50
C HIS B 417 -39.06 -2.41 -22.34
N LYS B 418 -40.21 -2.88 -21.86
CA LYS B 418 -40.88 -2.26 -20.72
C LYS B 418 -41.63 -3.35 -19.96
N GLY B 419 -41.40 -3.44 -18.65
CA GLY B 419 -42.01 -4.49 -17.88
C GLY B 419 -42.25 -4.16 -16.41
N ARG B 420 -42.62 -5.19 -15.64
CA ARG B 420 -42.95 -5.03 -14.22
C ARG B 420 -41.69 -5.21 -13.38
N ALA B 421 -41.45 -4.28 -12.45
CA ALA B 421 -40.23 -4.27 -11.67
C ALA B 421 -40.32 -5.27 -10.52
N VAL B 422 -39.36 -6.19 -10.46
CA VAL B 422 -39.11 -7.01 -9.29
C VAL B 422 -37.92 -6.41 -8.57
N VAL B 423 -38.06 -6.18 -7.26
CA VAL B 423 -37.16 -5.32 -6.51
C VAL B 423 -36.40 -6.15 -5.48
N PHE B 424 -35.11 -5.84 -5.33
CA PHE B 424 -34.27 -6.40 -4.27
C PHE B 424 -33.56 -5.25 -3.57
N GLU B 425 -33.67 -5.22 -2.23
CA GLU B 425 -33.09 -4.11 -1.48
C GLU B 425 -31.58 -4.29 -1.30
N ASP B 426 -31.14 -5.51 -1.01
CA ASP B 426 -29.72 -5.83 -0.91
C ASP B 426 -29.43 -7.07 -1.74
N ILE B 427 -28.15 -7.42 -1.83
CA ILE B 427 -27.77 -8.63 -2.56
C ILE B 427 -28.30 -9.87 -1.85
N ASP B 428 -28.41 -9.82 -0.52
CA ASP B 428 -29.00 -10.94 0.21
C ASP B 428 -30.49 -11.08 -0.11
N ASP B 429 -31.17 -9.97 -0.43
CA ASP B 429 -32.53 -10.06 -0.94
C ASP B 429 -32.56 -10.85 -2.24
N TYR B 430 -31.65 -10.54 -3.16
CA TYR B 430 -31.53 -11.31 -4.40
C TYR B 430 -31.23 -12.78 -4.11
N LYS B 431 -30.13 -13.04 -3.39
CA LYS B 431 -29.65 -14.40 -3.15
C LYS B 431 -30.57 -15.21 -2.25
N ALA B 432 -31.82 -14.78 -2.04
CA ALA B 432 -32.81 -15.51 -1.29
C ALA B 432 -34.10 -15.78 -2.07
N LYS B 433 -34.49 -14.87 -2.97
CA LYS B 433 -35.77 -14.97 -3.65
C LYS B 433 -35.67 -15.59 -5.05
N ILE B 434 -34.50 -15.51 -5.68
CA ILE B 434 -34.37 -16.02 -7.05
C ILE B 434 -34.54 -17.53 -7.08
N ASN B 435 -33.93 -18.24 -6.13
CA ASN B 435 -34.03 -19.69 -6.12
C ASN B 435 -35.39 -20.18 -5.66
N ASP B 436 -36.19 -19.32 -5.03
CA ASP B 436 -37.50 -19.73 -4.52
C ASP B 436 -38.52 -19.69 -5.65
N ASP B 437 -39.13 -20.84 -5.93
CA ASP B 437 -40.12 -20.94 -7.00
C ASP B 437 -41.49 -20.43 -6.55
N ASN B 438 -41.50 -19.44 -5.67
CA ASN B 438 -42.72 -18.85 -5.12
C ASN B 438 -42.72 -17.34 -5.31
N LEU B 439 -42.42 -16.91 -6.53
CA LEU B 439 -42.41 -15.50 -6.87
C LEU B 439 -42.96 -15.33 -8.27
N ASP B 440 -43.75 -14.27 -8.47
CA ASP B 440 -44.29 -13.97 -9.80
C ASP B 440 -43.17 -13.39 -10.65
N ILE B 441 -42.62 -14.22 -11.54
CA ILE B 441 -41.52 -13.81 -12.41
C ILE B 441 -41.71 -14.44 -13.78
N ASP B 442 -41.78 -13.61 -14.81
CA ASP B 442 -41.84 -14.09 -16.18
C ASP B 442 -40.68 -13.52 -16.97
N GLU B 443 -40.51 -14.02 -18.20
CA GLU B 443 -39.39 -13.63 -19.03
C GLU B 443 -39.41 -12.15 -19.37
N ASN B 444 -40.57 -11.50 -19.30
CA ASN B 444 -40.70 -10.10 -19.65
C ASN B 444 -40.59 -9.17 -18.45
N CYS B 445 -40.15 -9.69 -17.30
CA CYS B 445 -39.98 -8.86 -16.12
C CYS B 445 -38.68 -8.08 -16.19
N ILE B 446 -38.43 -7.26 -15.16
CA ILE B 446 -37.22 -6.45 -15.06
C ILE B 446 -36.71 -6.56 -13.63
N MET B 447 -35.62 -7.29 -13.43
CA MET B 447 -35.02 -7.38 -12.10
C MET B 447 -34.34 -6.07 -11.73
N VAL B 448 -34.51 -5.67 -10.47
CA VAL B 448 -33.94 -4.41 -9.97
C VAL B 448 -33.32 -4.68 -8.61
N MET B 449 -32.03 -4.40 -8.48
CA MET B 449 -31.32 -4.48 -7.21
C MET B 449 -30.72 -3.11 -6.90
N LYS B 450 -30.62 -2.81 -5.61
CA LYS B 450 -30.08 -1.53 -5.16
C LYS B 450 -29.12 -1.78 -3.99
N ASN B 451 -28.51 -0.69 -3.52
CA ASN B 451 -27.51 -0.73 -2.45
C ASN B 451 -26.35 -1.66 -2.82
N CYS B 452 -25.72 -1.35 -3.97
CA CYS B 452 -24.55 -2.08 -4.42
C CYS B 452 -23.55 -1.19 -5.12
N GLY B 453 -23.74 0.13 -5.10
CA GLY B 453 -22.79 1.04 -5.69
C GLY B 453 -21.57 1.23 -4.81
N PRO B 454 -20.91 2.38 -4.93
CA PRO B 454 -19.73 2.66 -4.11
C PRO B 454 -19.98 2.47 -2.62
N LYS B 455 -20.79 3.34 -2.02
CA LYS B 455 -21.10 3.21 -0.60
C LYS B 455 -22.00 2.02 -0.30
N GLY B 456 -22.65 1.44 -1.31
CA GLY B 456 -23.67 0.44 -1.09
C GLY B 456 -23.19 -0.93 -0.69
N TYR B 457 -22.45 -1.60 -1.58
CA TYR B 457 -22.18 -3.02 -1.40
C TYR B 457 -21.38 -3.36 -0.14
N PRO B 458 -20.33 -2.61 0.25
CA PRO B 458 -19.73 -1.37 -0.26
C PRO B 458 -18.63 -1.59 -1.29
N GLY B 459 -18.24 -0.51 -1.95
CA GLY B 459 -17.15 -0.54 -2.91
C GLY B 459 -17.55 -0.79 -4.34
N MET B 460 -18.83 -1.10 -4.59
CA MET B 460 -19.34 -1.41 -5.93
C MET B 460 -18.74 -2.72 -6.44
N ALA B 461 -19.56 -3.77 -6.47
CA ALA B 461 -19.10 -5.12 -6.78
C ALA B 461 -19.56 -5.53 -8.18
N GLU B 462 -19.08 -6.70 -8.61
CA GLU B 462 -19.43 -7.26 -9.92
C GLU B 462 -20.64 -8.20 -9.76
N VAL B 463 -21.79 -7.59 -9.52
CA VAL B 463 -23.03 -8.33 -9.28
C VAL B 463 -24.16 -7.76 -10.12
N GLY B 464 -23.82 -7.07 -11.21
CA GLY B 464 -24.84 -6.59 -12.11
C GLY B 464 -25.44 -7.66 -12.98
N ASN B 465 -24.67 -8.72 -13.26
CA ASN B 465 -25.14 -9.82 -14.09
C ASN B 465 -25.96 -10.81 -13.25
N MET B 466 -27.10 -10.30 -12.77
CA MET B 466 -27.98 -11.11 -11.93
C MET B 466 -28.41 -12.38 -12.67
N GLY B 467 -28.22 -13.52 -12.01
CA GLY B 467 -28.62 -14.78 -12.61
C GLY B 467 -30.13 -14.89 -12.70
N LEU B 468 -30.60 -15.44 -13.81
CA LEU B 468 -32.03 -15.60 -14.02
C LEU B 468 -32.55 -16.78 -13.19
N PRO B 469 -33.83 -16.74 -12.79
CA PRO B 469 -34.38 -17.87 -12.06
C PRO B 469 -34.47 -19.09 -12.95
N PRO B 470 -34.39 -20.30 -12.38
CA PRO B 470 -34.49 -21.50 -13.22
C PRO B 470 -35.81 -21.59 -13.97
N LYS B 471 -36.92 -21.21 -13.34
CA LYS B 471 -38.22 -21.31 -14.01
C LYS B 471 -38.24 -20.51 -15.31
N VAL B 472 -37.41 -19.47 -15.42
CA VAL B 472 -37.22 -18.80 -16.69
C VAL B 472 -36.16 -19.52 -17.52
N LEU B 473 -35.08 -19.95 -16.86
CA LEU B 473 -34.02 -20.67 -17.57
C LEU B 473 -34.47 -22.04 -18.03
N LYS B 474 -35.35 -22.71 -17.26
CA LYS B 474 -35.81 -24.03 -17.65
C LYS B 474 -36.57 -24.01 -18.97
N LYS B 475 -37.25 -22.91 -19.26
CA LYS B 475 -37.96 -22.80 -20.54
C LYS B 475 -36.98 -22.77 -21.70
N GLY B 476 -35.86 -22.07 -21.54
CA GLY B 476 -34.90 -21.91 -22.61
C GLY B 476 -34.61 -20.45 -22.89
N ILE B 477 -34.85 -19.60 -21.90
CA ILE B 477 -34.66 -18.16 -21.99
C ILE B 477 -33.37 -17.81 -21.26
N LEU B 478 -32.50 -17.02 -21.91
CA LEU B 478 -31.18 -16.76 -21.40
C LEU B 478 -30.88 -15.29 -21.13
N ASP B 479 -31.84 -14.39 -21.34
CA ASP B 479 -31.59 -12.98 -21.08
C ASP B 479 -32.86 -12.30 -20.59
N MET B 480 -32.70 -11.46 -19.58
CA MET B 480 -33.77 -10.62 -19.06
C MET B 480 -33.19 -9.26 -18.70
N VAL B 481 -34.03 -8.22 -18.81
CA VAL B 481 -33.58 -6.88 -18.47
C VAL B 481 -33.27 -6.80 -16.98
N ARG B 482 -32.12 -6.22 -16.66
CA ARG B 482 -31.66 -6.14 -15.28
C ARG B 482 -31.04 -4.77 -15.04
N ILE B 483 -31.42 -4.13 -13.93
CA ILE B 483 -30.93 -2.81 -13.56
C ILE B 483 -30.35 -2.89 -12.17
N SER B 484 -29.15 -2.33 -11.99
CA SER B 484 -28.50 -2.26 -10.69
C SER B 484 -27.57 -1.05 -10.69
N ASP B 485 -27.25 -0.58 -9.48
CA ASP B 485 -26.25 0.46 -9.33
C ASP B 485 -24.86 -0.12 -9.09
N ALA B 486 -24.66 -1.40 -9.38
CA ALA B 486 -23.40 -2.08 -9.18
C ALA B 486 -22.62 -2.15 -10.50
N ARG B 487 -21.68 -3.08 -10.57
CA ARG B 487 -20.91 -3.35 -11.78
C ARG B 487 -21.12 -4.79 -12.19
N MET B 488 -20.38 -5.22 -13.21
CA MET B 488 -20.37 -6.62 -13.61
C MET B 488 -19.02 -6.94 -14.24
N SER B 489 -18.69 -8.22 -14.24
CA SER B 489 -17.41 -8.66 -14.80
C SER B 489 -17.32 -8.28 -16.28
N GLY B 490 -16.08 -8.04 -16.73
CA GLY B 490 -15.87 -7.78 -18.13
C GLY B 490 -16.25 -8.95 -19.02
N THR B 491 -16.33 -10.15 -18.46
CA THR B 491 -16.75 -11.34 -19.17
C THR B 491 -18.25 -11.54 -19.16
N ALA B 492 -19.02 -10.63 -18.58
CA ALA B 492 -20.46 -10.78 -18.47
C ALA B 492 -21.15 -10.35 -19.77
N TYR B 493 -22.42 -10.74 -19.89
CA TYR B 493 -23.20 -10.48 -21.10
C TYR B 493 -24.64 -10.20 -20.69
N GLY B 494 -25.52 -10.16 -21.68
CA GLY B 494 -26.94 -9.94 -21.45
C GLY B 494 -27.30 -8.47 -21.38
N THR B 495 -28.61 -8.22 -21.35
CA THR B 495 -29.14 -6.86 -21.22
C THR B 495 -29.08 -6.46 -19.75
N VAL B 496 -28.03 -5.72 -19.38
CA VAL B 496 -27.78 -5.36 -18.00
C VAL B 496 -27.41 -3.87 -17.94
N VAL B 497 -28.10 -3.13 -17.08
CA VAL B 497 -27.84 -1.72 -16.87
C VAL B 497 -26.97 -1.57 -15.62
N LEU B 498 -25.85 -0.85 -15.76
CA LEU B 498 -24.90 -0.64 -14.68
C LEU B 498 -24.74 0.85 -14.40
N HIS B 499 -23.97 1.15 -13.36
CA HIS B 499 -23.59 2.51 -13.00
C HIS B 499 -24.79 3.38 -12.66
N THR B 500 -25.93 2.78 -12.32
CA THR B 500 -27.15 3.52 -12.04
C THR B 500 -26.91 4.57 -10.96
N SER B 501 -26.56 5.80 -11.38
CA SER B 501 -26.12 6.85 -10.48
C SER B 501 -27.13 7.99 -10.45
N PRO B 502 -27.35 8.62 -9.27
CA PRO B 502 -26.70 8.28 -8.00
C PRO B 502 -27.19 6.94 -7.43
N GLU B 503 -26.30 6.26 -6.71
CA GLU B 503 -26.62 4.96 -6.14
C GLU B 503 -27.75 5.07 -5.13
N ALA B 504 -28.21 3.91 -4.67
CA ALA B 504 -29.31 3.87 -3.71
C ALA B 504 -28.88 4.43 -2.35
N ALA B 505 -27.71 4.01 -1.87
CA ALA B 505 -27.29 4.30 -0.51
C ALA B 505 -26.73 5.70 -0.34
N VAL B 506 -27.16 6.65 -1.18
CA VAL B 506 -26.68 8.03 -1.07
C VAL B 506 -27.84 8.97 -1.36
N GLY B 507 -29.05 8.42 -1.49
CA GLY B 507 -30.23 9.22 -1.74
C GLY B 507 -30.56 9.35 -3.21
N GLY B 508 -30.76 8.21 -3.87
CA GLY B 508 -31.08 8.19 -5.28
C GLY B 508 -32.44 7.59 -5.56
N PRO B 509 -33.04 7.99 -6.69
CA PRO B 509 -34.37 7.45 -7.04
C PRO B 509 -34.40 5.94 -7.15
N LEU B 510 -33.26 5.31 -7.43
CA LEU B 510 -33.22 3.85 -7.49
C LEU B 510 -33.53 3.22 -6.13
N ALA B 511 -33.31 3.95 -5.04
CA ALA B 511 -33.53 3.40 -3.71
C ALA B 511 -35.01 3.18 -3.41
N VAL B 512 -35.89 3.95 -4.04
CA VAL B 512 -37.31 3.93 -3.70
C VAL B 512 -38.13 3.15 -4.74
N VAL B 513 -37.47 2.30 -5.53
CA VAL B 513 -38.20 1.49 -6.50
C VAL B 513 -38.96 0.39 -5.77
N LYS B 514 -40.27 0.37 -5.94
CA LYS B 514 -41.12 -0.61 -5.28
C LYS B 514 -41.54 -1.70 -6.26
N ASN B 515 -41.92 -2.86 -5.70
CA ASN B 515 -42.29 -4.01 -6.51
C ASN B 515 -43.51 -3.69 -7.37
N GLY B 516 -43.65 -4.44 -8.46
CA GLY B 516 -44.81 -4.33 -9.32
C GLY B 516 -44.79 -3.14 -10.25
N ASP B 517 -44.01 -2.11 -9.92
CA ASP B 517 -43.98 -0.90 -10.70
C ASP B 517 -43.40 -1.17 -12.10
N MET B 518 -43.54 -0.18 -12.97
CA MET B 518 -43.20 -0.32 -14.38
C MET B 518 -42.01 0.55 -14.73
N ILE B 519 -41.09 -0.02 -15.52
CA ILE B 519 -39.90 0.67 -15.98
C ILE B 519 -39.84 0.60 -17.50
N GLU B 520 -39.41 1.69 -18.12
CA GLU B 520 -39.27 1.78 -19.57
C GLU B 520 -37.80 1.78 -19.95
N LEU B 521 -37.42 0.89 -20.87
CA LEU B 521 -36.06 0.80 -21.37
C LEU B 521 -36.08 1.06 -22.87
N ASP B 522 -35.41 2.14 -23.29
CA ASP B 522 -35.34 2.50 -24.71
C ASP B 522 -33.93 3.02 -24.98
N VAL B 523 -33.07 2.14 -25.51
CA VAL B 523 -31.68 2.52 -25.78
C VAL B 523 -31.57 3.61 -26.84
N PRO B 524 -32.32 3.55 -27.99
CA PRO B 524 -32.15 4.57 -29.04
C PRO B 524 -32.18 6.02 -28.54
N ASN B 525 -33.27 6.43 -27.88
CA ASN B 525 -33.32 7.77 -27.32
C ASN B 525 -32.56 7.89 -26.00
N ARG B 526 -31.93 6.81 -25.53
CA ARG B 526 -31.12 6.81 -24.32
C ARG B 526 -31.94 7.25 -23.11
N ARG B 527 -32.94 6.43 -22.79
CA ARG B 527 -33.85 6.73 -21.69
C ARG B 527 -34.14 5.47 -20.89
N LEU B 528 -33.86 5.53 -19.59
CA LEU B 528 -34.33 4.55 -18.61
C LEU B 528 -35.26 5.29 -17.67
N HIS B 529 -36.56 5.02 -17.79
CA HIS B 529 -37.57 5.84 -17.12
C HIS B 529 -38.51 4.97 -16.29
N LEU B 530 -38.82 5.45 -15.09
CA LEU B 530 -39.82 4.86 -14.21
C LEU B 530 -41.11 5.65 -14.40
N ASP B 531 -42.04 5.07 -15.15
CA ASP B 531 -43.29 5.75 -15.52
C ASP B 531 -44.11 6.00 -14.26
N ILE B 532 -43.69 7.02 -13.51
CA ILE B 532 -44.32 7.40 -12.26
C ILE B 532 -44.27 8.92 -12.14
N SER B 533 -45.36 9.52 -11.66
CA SER B 533 -45.44 10.97 -11.54
C SER B 533 -44.33 11.52 -10.63
N ASP B 534 -43.88 12.73 -10.95
CA ASP B 534 -42.88 13.39 -10.12
C ASP B 534 -43.39 13.65 -8.70
N GLU B 535 -44.71 13.72 -8.52
CA GLU B 535 -45.25 13.93 -7.18
C GLU B 535 -44.96 12.74 -6.26
N GLU B 536 -44.99 11.53 -6.81
CA GLU B 536 -44.79 10.35 -5.99
C GLU B 536 -43.32 10.05 -5.72
N LEU B 537 -42.40 10.80 -6.33
CA LEU B 537 -40.99 10.65 -5.99
C LEU B 537 -40.71 11.26 -4.62
N ALA B 538 -41.08 12.53 -4.44
CA ALA B 538 -40.73 13.25 -3.21
C ALA B 538 -41.33 12.60 -1.97
N ARG B 539 -42.45 11.88 -2.12
CA ARG B 539 -42.98 11.14 -0.99
C ARG B 539 -42.28 9.80 -0.83
N ARG B 540 -41.90 9.16 -1.94
CA ARG B 540 -41.03 7.99 -1.87
C ARG B 540 -39.65 8.38 -1.35
N LEU B 541 -39.13 9.51 -1.79
CA LEU B 541 -37.77 9.95 -1.48
C LEU B 541 -37.65 10.61 -0.11
N ALA B 542 -38.71 10.60 0.70
CA ALA B 542 -38.66 11.16 2.05
C ALA B 542 -38.85 10.13 3.14
N GLU B 543 -39.60 9.05 2.89
CA GLU B 543 -39.69 7.94 3.82
C GLU B 543 -38.54 6.96 3.67
N TRP B 544 -37.59 7.24 2.79
CA TRP B 544 -36.41 6.41 2.64
C TRP B 544 -35.42 6.71 3.75
N GLN B 545 -35.09 5.70 4.55
CA GLN B 545 -34.02 5.79 5.53
C GLN B 545 -32.89 4.84 5.17
N PRO B 546 -31.64 5.29 5.26
CA PRO B 546 -30.52 4.46 4.83
C PRO B 546 -30.52 3.07 5.47
N ASN B 547 -30.06 2.08 4.72
CA ASN B 547 -30.19 0.69 5.12
C ASN B 547 -28.88 -0.06 5.02
N HIS B 548 -28.00 0.37 4.12
CA HIS B 548 -26.76 -0.34 3.87
C HIS B 548 -25.91 -0.43 5.14
N ASP B 549 -25.02 -1.41 5.17
CA ASP B 549 -24.16 -1.63 6.32
C ASP B 549 -23.15 -0.50 6.43
N LEU B 550 -23.22 0.28 7.52
CA LEU B 550 -22.28 1.38 7.62
C LEU B 550 -21.10 1.01 8.52
N PRO B 551 -19.89 1.39 8.13
CA PRO B 551 -18.72 1.09 8.95
C PRO B 551 -18.40 2.22 9.94
N THR B 552 -17.88 1.81 11.09
CA THR B 552 -17.57 2.75 12.16
C THR B 552 -16.18 3.36 12.03
N SER B 553 -15.21 2.59 11.55
CA SER B 553 -13.84 3.08 11.42
C SER B 553 -13.15 2.30 10.31
N GLY B 554 -11.82 2.36 10.28
CA GLY B 554 -11.04 1.62 9.32
C GLY B 554 -10.94 2.32 7.97
N TYR B 555 -10.46 1.56 6.99
CA TYR B 555 -10.41 2.09 5.62
C TYR B 555 -11.80 2.18 5.01
N ALA B 556 -12.70 1.27 5.39
CA ALA B 556 -14.07 1.34 4.89
C ALA B 556 -14.72 2.66 5.27
N PHE B 557 -14.39 3.18 6.45
CA PHE B 557 -14.88 4.51 6.84
C PHE B 557 -14.33 5.58 5.91
N LEU B 558 -13.02 5.53 5.63
CA LEU B 558 -12.41 6.49 4.70
C LEU B 558 -13.07 6.43 3.34
N HIS B 559 -13.24 5.22 2.79
CA HIS B 559 -13.96 5.03 1.54
C HIS B 559 -15.36 5.62 1.62
N GLN B 560 -16.16 5.12 2.58
CA GLN B 560 -17.55 5.53 2.74
C GLN B 560 -17.75 7.04 2.70
N GLN B 561 -17.01 7.77 3.54
CA GLN B 561 -17.22 9.20 3.67
C GLN B 561 -16.70 9.99 2.47
N HIS B 562 -15.77 9.41 1.69
CA HIS B 562 -15.04 10.18 0.71
C HIS B 562 -15.12 9.64 -0.72
N VAL B 563 -15.77 8.50 -0.94
CA VAL B 563 -15.88 7.97 -2.31
C VAL B 563 -16.90 8.78 -3.09
N GLU B 564 -16.61 9.02 -4.37
CA GLU B 564 -17.51 9.76 -5.24
C GLU B 564 -18.42 8.79 -5.98
N GLY B 565 -19.11 9.28 -7.00
CA GLY B 565 -20.06 8.49 -7.76
C GLY B 565 -19.44 7.91 -9.02
N ALA B 566 -20.02 6.79 -9.46
CA ALA B 566 -19.51 6.10 -10.65
C ALA B 566 -19.64 6.93 -11.91
N ASP B 567 -20.47 7.96 -11.90
CA ASP B 567 -20.57 8.87 -13.04
C ASP B 567 -19.40 9.84 -13.14
N THR B 568 -18.47 9.78 -12.18
CA THR B 568 -17.31 10.67 -12.18
C THR B 568 -16.00 9.92 -12.03
N GLY B 569 -16.02 8.59 -12.05
CA GLY B 569 -14.83 7.78 -11.87
C GLY B 569 -14.76 7.05 -10.55
N ALA B 570 -15.71 7.29 -9.64
CA ALA B 570 -15.76 6.62 -8.34
C ALA B 570 -14.44 6.80 -7.59
N ASP B 571 -13.85 7.99 -7.69
CA ASP B 571 -12.56 8.28 -7.08
C ASP B 571 -12.72 8.59 -5.60
N LEU B 572 -11.75 9.29 -5.03
CA LEU B 572 -11.81 9.80 -3.67
C LEU B 572 -11.67 11.32 -3.74
N ASP B 573 -12.64 12.03 -3.15
CA ASP B 573 -12.79 13.46 -3.43
C ASP B 573 -11.54 14.25 -3.08
N PHE B 574 -10.78 13.82 -2.08
CA PHE B 574 -9.55 14.51 -1.71
C PHE B 574 -8.34 14.04 -2.50
N LEU B 575 -8.52 13.12 -3.44
CA LEU B 575 -7.42 12.58 -4.25
C LEU B 575 -7.43 13.08 -5.68
N LYS B 576 -8.51 13.70 -6.15
CA LYS B 576 -8.63 14.06 -7.55
C LYS B 576 -7.63 15.16 -7.90
N GLY B 577 -7.00 15.01 -9.06
CA GLY B 577 -6.10 16.02 -9.60
C GLY B 577 -4.65 15.59 -9.55
N CYS B 578 -3.82 16.42 -10.17
CA CYS B 578 -2.38 16.21 -10.21
C CYS B 578 -1.72 17.07 -9.14
N ARG B 579 -1.02 16.41 -8.21
CA ARG B 579 -0.36 17.13 -7.12
C ARG B 579 1.09 17.45 -7.40
N GLY B 580 1.71 16.80 -8.39
CA GLY B 580 3.07 17.10 -8.77
C GLY B 580 4.08 16.20 -8.08
N ASN B 581 5.32 16.27 -8.57
CA ASN B 581 6.43 15.48 -8.06
C ASN B 581 7.51 16.39 -7.49
N ALA B 582 7.11 17.44 -6.78
CA ALA B 582 8.07 18.31 -6.11
C ALA B 582 8.82 17.51 -5.06
N VAL B 583 10.15 17.62 -5.08
CA VAL B 583 10.99 16.87 -4.15
C VAL B 583 10.76 17.39 -2.75
N GLY B 584 10.33 16.50 -1.85
CA GLY B 584 10.06 16.87 -0.49
C GLY B 584 11.31 17.32 0.25
N LYS B 585 11.10 17.77 1.47
CA LYS B 585 12.19 18.26 2.29
C LYS B 585 13.03 17.09 2.81
N ASP B 586 14.28 17.40 3.17
CA ASP B 586 15.24 16.38 3.55
C ASP B 586 14.74 15.59 4.76
N SER B 587 15.03 14.29 4.76
CA SER B 587 14.59 13.42 5.83
C SER B 587 15.42 13.56 7.10
N HIS B 588 16.50 14.35 7.06
CA HIS B 588 17.32 14.56 8.23
C HIS B 588 17.96 15.95 8.20
#